data_3HST
#
_entry.id   3HST
#
_cell.length_a   73.632
_cell.length_b   101.383
_cell.length_c   76.091
_cell.angle_alpha   90.00
_cell.angle_beta   109.01
_cell.angle_gamma   90.00
#
_symmetry.space_group_name_H-M   'P 1 21 1'
#
loop_
_entity.id
_entity.type
_entity.pdbx_description
1 polymer 'Maltose-binding periplasmic protein'
2 polymer 'Protein Rv2228c/MT2287'
3 branched alpha-D-glucopyranose-(1-4)-alpha-D-glucopyranose-(1-4)-alpha-D-glucopyranose
4 non-polymer 1,2-ETHANEDIOL
5 non-polymer 'D(-)-TARTARIC ACID'
6 water water
#
loop_
_entity_poly.entity_id
_entity_poly.type
_entity_poly.pdbx_seq_one_letter_code
_entity_poly.pdbx_strand_id
1 'polypeptide(L)'
;MKIEEGKLVIWINGDKGYNGLAEVGKKFEKDTGIKVTVEHPDKLEEKFPQVAATGDGPDIIFWAHDRFGGYAQSGLLAEI
TPDKAFQDKLYPFTWDAVRYNGKLIAYPIAVEALSLIYNKDLLPNPPKTWEEIPALDKELKAKGKSALMFNLQEPYFTWP
LIAADGGYAFKYENGKYDIKDVGVDNAGAKAGLTFLVDLIKNKHMNADTDYSIAEAAFNKGETAMTINGPWAWSNIDTSK
VNYGVTVLPTFKGQPSKPFVGVLSAGINAASPNKELAKEFLENYLLTDEGLEAVNKDKPLGAVALKSYEEELAKDPRIAA
TMENAQKGEIMPNIPQMSAFWYAVRTAVINAASGRQTVDEALKDAQTNSSSNNNNNNNNNNLGIEGR
;
A,C
2 'polypeptide(L)'
;SVKVVIEADGGSRGNPGPAGYGAVVWTADHSTVLAESKQAIGRATNNVAEYRGLIAGLDDAVKLGATEAAVLMDSKLVVE
QMSGRWKVKHPDLLKLYVQAQALASQFRRINYEWVPRARNTYADRLANDAMDAAAQSAAAD
;
B,D
#
# COMPACT_ATOMS: atom_id res chain seq x y z
N LYS A 7 19.26 3.00 5.60
CA LYS A 7 18.92 4.28 6.22
C LYS A 7 18.20 5.19 5.23
N LEU A 8 18.25 4.83 3.95
CA LEU A 8 17.61 5.63 2.91
C LEU A 8 16.41 4.89 2.33
N VAL A 9 15.21 5.28 2.75
CA VAL A 9 13.99 4.67 2.28
C VAL A 9 13.20 5.54 1.26
N ILE A 10 12.96 4.99 0.08
CA ILE A 10 12.22 5.59 -1.01
C ILE A 10 10.86 4.90 -1.28
N TRP A 11 9.78 5.67 -1.40
CA TRP A 11 8.51 5.22 -2.01
C TRP A 11 8.38 5.69 -3.45
N ILE A 12 8.01 4.74 -4.33
CA ILE A 12 7.72 5.05 -5.72
C ILE A 12 6.59 4.11 -6.21
N ASN A 13 5.71 4.59 -7.05
CA ASN A 13 4.57 3.76 -7.48
C ASN A 13 5.06 2.51 -8.21
N GLY A 14 4.30 1.41 -8.02
CA GLY A 14 4.50 0.11 -8.63
C GLY A 14 4.55 0.02 -10.16
N ASP A 15 4.10 1.05 -10.86
CA ASP A 15 4.17 1.08 -12.31
C ASP A 15 5.50 1.69 -12.84
N LYS A 16 6.41 2.05 -11.92
CA LYS A 16 7.61 2.80 -12.28
C LYS A 16 8.83 1.89 -12.19
N GLY A 17 9.99 2.37 -12.63
CA GLY A 17 11.27 1.64 -12.67
C GLY A 17 11.95 1.47 -11.30
N TYR A 18 11.24 0.83 -10.36
CA TYR A 18 11.73 0.65 -8.99
C TYR A 18 12.94 -0.27 -8.85
N ASN A 19 13.09 -1.21 -9.80
CA ASN A 19 14.33 -2.02 -9.82
C ASN A 19 15.57 -1.29 -10.31
N GLY A 20 15.43 -0.55 -11.40
CA GLY A 20 16.47 0.41 -11.83
C GLY A 20 16.82 1.45 -10.78
N LEU A 21 15.82 1.98 -10.10
CA LEU A 21 16.04 2.95 -9.02
C LEU A 21 16.89 2.36 -7.88
N ALA A 22 16.67 1.07 -7.59
CA ALA A 22 17.44 0.30 -6.56
C ALA A 22 18.89 0.06 -7.02
N GLU A 23 19.06 -0.16 -8.33
CA GLU A 23 20.42 -0.18 -8.94
C GLU A 23 21.16 1.14 -8.70
N VAL A 24 20.47 2.27 -8.88
CA VAL A 24 21.06 3.56 -8.53
C VAL A 24 21.33 3.56 -6.99
N GLY A 25 20.39 3.08 -6.20
CA GLY A 25 20.66 2.92 -4.78
C GLY A 25 21.83 2.04 -4.40
N LYS A 26 22.15 1.00 -5.25
CA LYS A 26 23.43 0.29 -5.02
C LYS A 26 24.65 1.14 -5.32
N LYS A 27 24.54 1.94 -6.37
CA LYS A 27 25.62 2.84 -6.76
C LYS A 27 25.90 3.84 -5.64
N PHE A 28 24.87 4.16 -4.87
CA PHE A 28 25.01 5.08 -3.75
C PHE A 28 25.65 4.40 -2.56
N GLU A 29 25.12 3.23 -2.20
CA GLU A 29 25.67 2.45 -1.08
C GLU A 29 27.17 2.26 -1.28
N LYS A 30 27.55 2.00 -2.53
CA LYS A 30 28.96 1.78 -2.93
C LYS A 30 29.80 2.99 -2.54
N ASP A 31 29.28 4.21 -2.79
CA ASP A 31 30.08 5.41 -2.47
C ASP A 31 29.91 5.96 -1.07
N THR A 32 28.81 5.63 -0.36
CA THR A 32 28.47 6.27 0.94
C THR A 32 28.35 5.30 2.11
N GLY A 33 28.31 4.00 1.86
CA GLY A 33 27.97 3.03 2.90
C GLY A 33 26.51 3.00 3.31
N ILE A 34 25.70 3.85 2.70
CA ILE A 34 24.29 3.96 3.14
C ILE A 34 23.40 3.17 2.26
N LYS A 35 22.64 2.24 2.84
CA LYS A 35 21.75 1.40 2.07
C LYS A 35 20.44 2.11 1.73
N VAL A 36 19.95 1.90 0.51
CA VAL A 36 18.70 2.51 0.08
C VAL A 36 17.62 1.45 -0.10
N THR A 37 16.47 1.69 0.55
CA THR A 37 15.36 0.74 0.48
C THR A 37 14.21 1.30 -0.34
N VAL A 38 14.15 0.94 -1.62
CA VAL A 38 13.06 1.38 -2.52
C VAL A 38 11.81 0.51 -2.27
N GLU A 39 10.69 1.17 -2.00
CA GLU A 39 9.44 0.46 -1.78
C GLU A 39 8.41 1.02 -2.66
N HIS A 40 7.39 0.23 -2.98
CA HIS A 40 6.27 0.67 -3.78
C HIS A 40 4.91 0.30 -3.15
N PRO A 41 4.59 0.84 -1.94
CA PRO A 41 3.33 0.52 -1.27
C PRO A 41 2.12 0.87 -2.15
N ASP A 42 1.00 0.18 -1.98
CA ASP A 42 -0.24 0.68 -2.66
C ASP A 42 -0.68 1.98 -2.00
N LYS A 43 -1.39 2.78 -2.78
CA LYS A 43 -1.82 4.14 -2.47
C LYS A 43 -0.84 5.10 -1.77
N LEU A 44 0.43 4.94 -2.04
CA LEU A 44 1.48 5.56 -1.26
C LEU A 44 1.26 7.13 -1.26
N GLU A 45 0.68 7.65 -2.34
CA GLU A 45 0.33 9.09 -2.39
C GLU A 45 -0.73 9.43 -1.36
N GLU A 46 -1.48 8.43 -0.97
CA GLU A 46 -2.48 8.55 0.07
C GLU A 46 -1.91 8.25 1.44
N LYS A 47 -0.99 7.31 1.50
CA LYS A 47 -0.34 6.96 2.76
C LYS A 47 0.60 8.06 3.29
N PHE A 48 1.35 8.69 2.38
CA PHE A 48 2.34 9.72 2.77
C PHE A 48 1.87 10.86 3.73
N PRO A 49 0.75 11.58 3.41
CA PRO A 49 0.30 12.63 4.32
C PRO A 49 -0.14 12.15 5.68
N GLN A 50 -0.44 10.86 5.79
CA GLN A 50 -0.91 10.30 7.00
C GLN A 50 0.23 9.90 7.85
N VAL A 51 1.27 9.33 7.26
CA VAL A 51 2.40 8.94 8.05
C VAL A 51 3.35 10.13 8.26
N ALA A 52 3.68 10.91 7.23
CA ALA A 52 4.39 12.20 7.44
C ALA A 52 3.73 13.20 8.43
N ALA A 53 2.41 13.15 8.64
CA ALA A 53 1.73 14.12 9.53
C ALA A 53 2.01 13.82 11.00
N THR A 54 2.44 12.58 11.26
CA THR A 54 2.87 12.07 12.57
C THR A 54 4.41 11.99 12.53
N GLY A 55 5.01 12.68 11.56
CA GLY A 55 6.46 12.68 11.41
C GLY A 55 7.00 11.32 11.02
N ASP A 56 6.23 10.56 10.24
CA ASP A 56 6.65 9.24 9.78
C ASP A 56 6.66 9.17 8.26
N GLY A 57 6.96 8.00 7.72
CA GLY A 57 6.99 7.81 6.24
C GLY A 57 8.38 7.45 5.72
N PRO A 58 8.56 7.55 4.38
CA PRO A 58 9.85 7.36 3.71
C PRO A 58 10.66 8.65 3.85
N ASP A 59 11.97 8.62 3.56
CA ASP A 59 12.81 9.82 3.42
C ASP A 59 12.48 10.61 2.17
N ILE A 60 12.31 9.86 1.07
CA ILE A 60 11.95 10.41 -0.23
C ILE A 60 10.65 9.75 -0.74
N ILE A 61 9.81 10.55 -1.37
CA ILE A 61 8.55 10.09 -2.05
C ILE A 61 8.52 10.50 -3.51
N PHE A 62 8.31 9.55 -4.43
CA PHE A 62 8.18 9.87 -5.84
C PHE A 62 6.65 9.86 -6.23
N TRP A 63 6.16 10.97 -6.77
CA TRP A 63 4.88 11.01 -7.43
C TRP A 63 4.91 12.12 -8.49
N ALA A 64 3.91 12.17 -9.34
CA ALA A 64 3.73 13.30 -10.22
C ALA A 64 3.56 14.55 -9.31
N HIS A 65 3.93 15.71 -9.85
CA HIS A 65 3.99 16.97 -9.07
C HIS A 65 2.62 17.48 -8.58
N ASP A 66 1.57 16.98 -9.21
CA ASP A 66 0.21 17.33 -8.86
C ASP A 66 -0.15 17.22 -7.35
N ARG A 67 0.45 16.25 -6.64
CA ARG A 67 0.18 15.88 -5.29
C ARG A 67 0.94 16.75 -4.29
N PHE A 68 1.93 17.44 -4.79
CA PHE A 68 3.00 18.02 -3.98
C PHE A 68 2.66 19.38 -3.37
N GLY A 69 1.83 20.18 -4.04
CA GLY A 69 1.33 21.44 -3.47
C GLY A 69 0.65 21.11 -2.13
N GLY A 70 -0.10 20.01 -2.08
CA GLY A 70 -0.89 19.62 -0.93
C GLY A 70 -0.04 19.17 0.23
N TYR A 71 1.03 18.42 -0.02
CA TYR A 71 1.96 18.00 1.01
C TYR A 71 2.70 19.19 1.60
N ALA A 72 3.08 20.11 0.72
CA ALA A 72 3.83 21.33 1.03
C ALA A 72 3.17 22.31 1.96
N GLN A 73 1.97 22.68 1.62
CA GLN A 73 1.24 23.58 2.46
C GLN A 73 0.80 22.92 3.77
N SER A 74 0.83 21.60 3.83
CA SER A 74 0.67 20.93 5.09
C SER A 74 2.00 20.76 5.88
N GLY A 75 3.14 21.15 5.32
CA GLY A 75 4.41 21.20 6.05
C GLY A 75 5.17 19.86 6.11
N LEU A 76 4.89 18.99 5.13
CA LEU A 76 5.39 17.61 5.05
C LEU A 76 6.55 17.46 4.09
N LEU A 77 6.90 18.54 3.40
CA LEU A 77 7.98 18.50 2.44
C LEU A 77 8.97 19.57 2.77
N ALA A 78 10.26 19.18 2.78
CA ALA A 78 11.42 20.03 2.94
C ALA A 78 11.57 20.87 1.69
N GLU A 79 11.96 22.12 1.83
CA GLU A 79 12.27 22.94 0.70
C GLU A 79 13.62 22.36 0.25
N ILE A 80 13.78 22.13 -1.05
CA ILE A 80 15.04 21.60 -1.52
C ILE A 80 16.02 22.78 -1.86
N THR A 81 17.34 22.52 -1.85
CA THR A 81 18.30 23.63 -1.90
C THR A 81 19.29 23.43 -3.05
N PRO A 82 18.80 23.13 -4.28
CA PRO A 82 19.80 22.98 -5.35
C PRO A 82 20.36 24.36 -5.66
N ASP A 83 21.67 24.49 -5.81
CA ASP A 83 22.15 25.79 -6.27
C ASP A 83 21.82 26.00 -7.78
N LYS A 84 22.07 27.22 -8.26
CA LYS A 84 21.68 27.65 -9.59
C LYS A 84 22.34 26.81 -10.69
N ALA A 85 23.57 26.37 -10.46
CA ALA A 85 24.33 25.54 -11.44
C ALA A 85 23.63 24.20 -11.63
N PHE A 86 23.11 23.60 -10.55
CA PHE A 86 22.35 22.36 -10.67
C PHE A 86 21.04 22.59 -11.37
N GLN A 87 20.39 23.72 -11.07
CA GLN A 87 19.08 24.01 -11.65
C GLN A 87 19.21 24.27 -13.14
N ASP A 88 20.31 24.84 -13.58
CA ASP A 88 20.57 25.04 -14.99
C ASP A 88 20.66 23.73 -15.79
N LYS A 89 20.97 22.65 -15.12
CA LYS A 89 21.01 21.32 -15.72
C LYS A 89 19.67 20.80 -16.21
N LEU A 90 18.56 21.27 -15.62
CA LEU A 90 17.18 20.74 -15.86
C LEU A 90 16.27 21.76 -16.59
N TYR A 91 15.25 21.34 -17.34
CA TYR A 91 14.42 22.29 -18.10
C TYR A 91 13.69 23.22 -17.16
N PRO A 92 13.68 24.54 -17.48
CA PRO A 92 12.93 25.52 -16.66
C PRO A 92 11.48 25.17 -16.32
N PHE A 93 10.73 24.57 -17.24
CA PHE A 93 9.34 24.30 -16.97
C PHE A 93 9.17 23.14 -15.94
N THR A 94 10.16 22.26 -15.84
CA THR A 94 10.11 21.16 -14.87
C THR A 94 10.34 21.73 -13.44
N TRP A 95 11.10 22.83 -13.33
CA TRP A 95 11.22 23.53 -12.02
C TRP A 95 9.95 24.29 -11.71
N ASP A 96 9.30 24.83 -12.75
CA ASP A 96 7.99 25.48 -12.55
C ASP A 96 7.00 24.48 -11.88
N ALA A 97 7.03 23.22 -12.32
CA ALA A 97 6.07 22.21 -11.88
C ALA A 97 6.16 21.92 -10.39
N VAL A 98 7.35 22.08 -9.83
CA VAL A 98 7.58 21.84 -8.41
C VAL A 98 7.59 23.13 -7.63
N ARG A 99 7.23 24.23 -8.28
CA ARG A 99 7.20 25.54 -7.64
C ARG A 99 5.91 25.73 -6.84
N TYR A 100 6.05 25.74 -5.52
CA TYR A 100 4.90 25.92 -4.65
C TYR A 100 5.09 27.11 -3.71
N ASN A 101 4.30 28.17 -3.93
CA ASN A 101 4.39 29.37 -3.12
C ASN A 101 5.69 30.12 -3.33
N GLY A 102 6.41 29.77 -4.39
CA GLY A 102 7.67 30.40 -4.71
C GLY A 102 8.87 29.60 -4.24
N LYS A 103 8.61 28.44 -3.65
CA LYS A 103 9.68 27.56 -3.15
C LYS A 103 9.72 26.23 -3.90
N LEU A 104 10.92 25.73 -4.18
CA LEU A 104 11.05 24.44 -4.89
C LEU A 104 10.82 23.35 -3.81
N ILE A 105 9.86 22.47 -4.06
CA ILE A 105 9.49 21.49 -3.04
C ILE A 105 9.81 20.03 -3.43
N ALA A 106 10.42 19.79 -4.59
CA ALA A 106 10.77 18.43 -5.03
C ALA A 106 11.77 18.57 -6.15
N TYR A 107 12.49 17.50 -6.46
CA TYR A 107 13.28 17.46 -7.69
C TYR A 107 12.42 16.88 -8.81
N PRO A 108 12.29 17.58 -9.94
CA PRO A 108 11.65 17.02 -11.12
C PRO A 108 12.52 15.99 -11.78
N ILE A 109 11.92 14.85 -12.07
CA ILE A 109 12.61 13.72 -12.73
C ILE A 109 12.32 13.62 -14.27
N ALA A 110 11.02 13.54 -14.63
CA ALA A 110 10.57 13.19 -15.98
C ALA A 110 9.19 13.68 -16.22
N VAL A 111 8.94 14.00 -17.49
CA VAL A 111 7.70 14.59 -17.90
C VAL A 111 6.92 13.52 -18.58
N GLU A 112 5.66 13.34 -18.17
CA GLU A 112 4.83 12.23 -18.66
C GLU A 112 3.58 12.68 -19.36
N ALA A 113 3.34 12.18 -20.55
CA ALA A 113 2.02 12.33 -21.17
C ALA A 113 1.48 10.98 -21.69
N LEU A 114 0.16 10.84 -21.72
CA LEU A 114 -0.48 9.62 -22.27
C LEU A 114 -0.41 9.83 -23.78
N SER A 115 -0.19 8.74 -24.51
CA SER A 115 -0.29 8.73 -25.96
C SER A 115 -1.20 7.56 -26.28
N LEU A 116 -1.50 7.41 -27.56
CA LEU A 116 -2.27 6.26 -28.04
C LEU A 116 -1.19 5.20 -28.40
N ILE A 117 -1.40 3.95 -27.96
CA ILE A 117 -0.52 2.86 -28.32
C ILE A 117 -1.37 1.85 -29.11
N TYR A 118 -0.91 1.49 -30.34
CA TYR A 118 -1.63 0.64 -31.27
C TYR A 118 -0.78 -0.55 -31.75
N ASN A 119 -1.48 -1.65 -32.06
CA ASN A 119 -0.84 -2.84 -32.56
C ASN A 119 -0.72 -2.67 -34.09
N LYS A 120 0.53 -2.56 -34.60
CA LYS A 120 0.76 -2.34 -36.02
C LYS A 120 0.31 -3.48 -36.86
N ASP A 121 0.27 -4.68 -36.29
CA ASP A 121 -0.11 -5.87 -37.03
C ASP A 121 -1.61 -5.87 -37.29
N LEU A 122 -2.38 -5.61 -36.23
CA LEU A 122 -3.84 -5.53 -36.36
C LEU A 122 -4.32 -4.21 -36.95
N LEU A 123 -3.53 -3.14 -36.85
CA LEU A 123 -3.98 -1.77 -37.20
C LEU A 123 -2.82 -0.99 -37.79
N PRO A 124 -2.56 -1.16 -39.08
CA PRO A 124 -1.42 -0.50 -39.69
C PRO A 124 -1.60 1.04 -39.74
N ASN A 125 -2.83 1.49 -39.94
CA ASN A 125 -3.21 2.91 -39.87
C ASN A 125 -4.29 3.18 -38.80
N PRO A 126 -3.86 3.60 -37.62
CA PRO A 126 -4.69 3.83 -36.43
C PRO A 126 -5.57 5.09 -36.62
N PRO A 127 -6.76 5.12 -35.97
CA PRO A 127 -7.68 6.25 -36.21
C PRO A 127 -7.15 7.62 -35.77
N LYS A 128 -7.50 8.63 -36.54
CA LYS A 128 -7.16 10.02 -36.28
C LYS A 128 -8.15 10.66 -35.29
N THR A 129 -9.32 10.03 -35.16
CA THR A 129 -10.46 10.50 -34.40
C THR A 129 -10.99 9.43 -33.41
N TRP A 130 -11.49 9.88 -32.25
CA TRP A 130 -12.39 9.12 -31.40
C TRP A 130 -13.64 8.55 -32.11
N GLU A 131 -14.26 9.35 -32.96
CA GLU A 131 -15.50 9.05 -33.65
C GLU A 131 -15.45 7.84 -34.59
N GLU A 132 -14.25 7.48 -35.07
CA GLU A 132 -14.15 6.33 -35.97
C GLU A 132 -13.89 5.01 -35.19
N ILE A 133 -13.76 5.12 -33.86
CA ILE A 133 -13.44 3.97 -33.04
C ILE A 133 -14.62 2.98 -33.02
N PRO A 134 -15.88 3.47 -32.85
CA PRO A 134 -17.03 2.52 -32.93
C PRO A 134 -16.96 1.60 -34.15
N ALA A 135 -16.68 2.15 -35.35
CA ALA A 135 -16.72 1.37 -36.61
C ALA A 135 -15.63 0.34 -36.62
N LEU A 136 -14.44 0.74 -36.17
CA LEU A 136 -13.27 -0.11 -36.06
C LEU A 136 -13.55 -1.26 -35.06
N ASP A 137 -14.23 -0.92 -33.96
CA ASP A 137 -14.56 -1.93 -33.00
C ASP A 137 -15.42 -3.03 -33.64
N LYS A 138 -16.32 -2.64 -34.54
CA LYS A 138 -17.17 -3.59 -35.19
C LYS A 138 -16.42 -4.49 -36.16
N GLU A 139 -15.40 -3.98 -36.85
CA GLU A 139 -14.51 -4.83 -37.64
C GLU A 139 -13.79 -5.83 -36.74
N LEU A 140 -13.11 -5.34 -35.70
CA LEU A 140 -12.36 -6.21 -34.81
C LEU A 140 -13.17 -7.28 -34.05
N LYS A 141 -14.33 -6.90 -33.50
CA LYS A 141 -15.17 -7.83 -32.77
C LYS A 141 -15.46 -9.08 -33.59
N ALA A 142 -15.90 -8.88 -34.83
CA ALA A 142 -16.21 -9.98 -35.71
C ALA A 142 -15.10 -11.02 -35.65
N LYS A 143 -13.90 -10.58 -35.27
CA LYS A 143 -12.76 -11.48 -35.16
C LYS A 143 -12.41 -11.94 -33.75
N GLY A 144 -13.17 -11.46 -32.77
CA GLY A 144 -12.95 -11.81 -31.39
C GLY A 144 -12.06 -10.82 -30.66
N LYS A 145 -11.77 -9.70 -31.33
CA LYS A 145 -10.92 -8.67 -30.74
C LYS A 145 -11.67 -7.35 -30.62
N SER A 146 -11.10 -6.42 -29.87
CA SER A 146 -11.70 -5.10 -29.67
C SER A 146 -10.77 -3.99 -30.12
N ALA A 147 -11.35 -2.87 -30.53
CA ALA A 147 -10.56 -1.71 -31.00
C ALA A 147 -9.63 -1.12 -29.91
N LEU A 148 -10.17 -0.92 -28.70
CA LEU A 148 -9.53 -0.14 -27.67
C LEU A 148 -9.95 -0.53 -26.25
N MET A 149 -8.93 -0.70 -25.38
CA MET A 149 -9.08 -1.01 -24.01
C MET A 149 -8.11 -0.17 -23.24
N PHE A 150 -8.63 0.57 -22.28
CA PHE A 150 -7.72 1.32 -21.41
C PHE A 150 -8.26 1.47 -19.98
N ASN A 151 -7.44 1.94 -19.04
CA ASN A 151 -7.87 2.09 -17.63
C ASN A 151 -9.03 3.09 -17.44
N LEU A 152 -10.23 2.55 -17.26
CA LEU A 152 -11.42 3.36 -17.09
C LEU A 152 -11.62 3.79 -15.66
N GLN A 153 -10.81 3.26 -14.73
CA GLN A 153 -11.08 3.49 -13.31
C GLN A 153 -10.50 4.82 -12.79
N GLU A 154 -9.43 5.29 -13.44
CA GLU A 154 -8.66 6.44 -12.99
C GLU A 154 -8.90 7.57 -13.93
N PRO A 155 -9.33 8.74 -13.41
CA PRO A 155 -9.75 9.82 -14.29
C PRO A 155 -8.68 10.32 -15.20
N TYR A 156 -7.42 10.13 -14.84
CA TYR A 156 -6.24 10.46 -15.63
C TYR A 156 -6.31 10.02 -17.09
N PHE A 157 -6.90 8.85 -17.30
CA PHE A 157 -6.94 8.22 -18.59
C PHE A 157 -8.10 8.67 -19.43
N THR A 158 -9.17 9.10 -18.73
CA THR A 158 -10.39 9.61 -19.38
C THR A 158 -10.38 11.16 -19.61
N TRP A 159 -9.60 11.87 -18.79
CA TRP A 159 -9.40 13.32 -18.86
C TRP A 159 -8.99 13.92 -20.25
N PRO A 160 -8.05 13.27 -20.96
CA PRO A 160 -7.69 13.75 -22.34
C PRO A 160 -8.94 13.98 -23.20
N LEU A 161 -9.86 13.00 -23.19
CA LEU A 161 -11.17 13.13 -23.85
C LEU A 161 -12.20 14.15 -23.29
N ILE A 162 -12.32 14.27 -21.94
CA ILE A 162 -13.25 15.18 -21.33
C ILE A 162 -12.86 16.62 -21.61
N ALA A 163 -11.53 16.82 -21.61
CA ALA A 163 -10.92 18.12 -21.88
C ALA A 163 -10.86 18.55 -23.36
N ALA A 164 -10.94 17.61 -24.31
CA ALA A 164 -10.74 17.94 -25.74
C ALA A 164 -11.62 19.07 -26.28
N ASP A 165 -12.91 19.00 -25.96
CA ASP A 165 -13.91 19.90 -26.52
C ASP A 165 -14.12 21.05 -25.53
N GLY A 166 -13.34 21.04 -24.45
CA GLY A 166 -13.32 22.22 -23.59
C GLY A 166 -13.42 22.07 -22.09
N GLY A 167 -13.37 20.85 -21.58
CA GLY A 167 -13.28 20.68 -20.15
C GLY A 167 -11.94 21.20 -19.58
N TYR A 168 -11.99 21.68 -18.34
CA TYR A 168 -10.78 22.07 -17.61
C TYR A 168 -11.07 21.91 -16.10
N ALA A 169 -9.98 21.83 -15.35
CA ALA A 169 -9.99 21.68 -13.92
C ALA A 169 -10.15 22.94 -13.11
N PHE A 170 -9.29 23.90 -13.30
CA PHE A 170 -9.28 25.12 -12.53
C PHE A 170 -8.73 26.13 -13.52
N LYS A 171 -9.53 27.12 -13.79
CA LYS A 171 -9.21 28.22 -14.67
C LYS A 171 -7.89 28.94 -14.37
N TYR A 172 -6.98 28.95 -15.33
CA TYR A 172 -5.65 29.48 -15.16
C TYR A 172 -5.52 30.91 -15.64
N GLU A 173 -5.20 31.81 -14.73
CA GLU A 173 -5.28 33.23 -14.97
C GLU A 173 -4.01 34.00 -15.18
N ASN A 174 -3.12 34.00 -14.26
CA ASN A 174 -1.93 34.76 -14.62
C ASN A 174 -0.86 33.91 -13.95
N GLY A 175 -0.38 32.79 -14.52
CA GLY A 175 0.48 32.08 -13.58
C GLY A 175 -0.23 31.76 -12.27
N LYS A 176 -1.55 31.79 -12.31
CA LYS A 176 -2.34 31.51 -11.12
C LYS A 176 -3.50 30.57 -11.43
N TYR A 177 -4.26 30.20 -10.41
CA TYR A 177 -5.39 29.29 -10.57
C TYR A 177 -6.57 29.72 -9.70
N ASP A 178 -7.76 29.73 -10.30
CA ASP A 178 -8.97 30.12 -9.59
C ASP A 178 -9.76 28.85 -9.12
N ILE A 179 -9.71 28.56 -7.82
CA ILE A 179 -10.30 27.33 -7.29
C ILE A 179 -11.86 27.36 -7.24
N LYS A 180 -12.44 28.52 -7.54
CA LYS A 180 -13.88 28.65 -7.61
C LYS A 180 -14.38 28.49 -9.04
N ASP A 181 -13.50 28.65 -10.03
CA ASP A 181 -13.85 28.46 -11.44
C ASP A 181 -13.38 27.09 -11.87
N VAL A 182 -14.31 26.12 -11.85
CA VAL A 182 -14.06 24.75 -12.29
C VAL A 182 -14.73 24.46 -13.65
N GLY A 183 -14.02 23.80 -14.58
CA GLY A 183 -14.56 23.53 -15.96
C GLY A 183 -14.96 22.06 -16.23
N VAL A 184 -15.39 21.39 -15.20
CA VAL A 184 -15.67 20.00 -15.23
C VAL A 184 -17.10 19.80 -15.70
N ASP A 185 -17.92 20.83 -15.66
CA ASP A 185 -19.33 20.69 -15.95
C ASP A 185 -19.75 21.63 -17.10
N ASN A 186 -18.83 22.00 -17.98
CA ASN A 186 -19.20 22.82 -19.16
C ASN A 186 -19.61 21.97 -20.38
N ALA A 187 -19.88 22.63 -21.53
CA ALA A 187 -20.30 21.98 -22.75
C ALA A 187 -19.29 20.96 -23.20
N GLY A 188 -18.01 21.31 -23.20
CA GLY A 188 -16.98 20.41 -23.69
C GLY A 188 -16.77 19.17 -22.82
N ALA A 189 -16.95 19.34 -21.51
CA ALA A 189 -16.81 18.22 -20.55
C ALA A 189 -17.91 17.23 -20.74
N LYS A 190 -19.15 17.72 -20.87
CA LYS A 190 -20.32 16.90 -21.09
C LYS A 190 -20.27 16.09 -22.39
N ALA A 191 -19.87 16.74 -23.51
CA ALA A 191 -19.67 16.06 -24.82
C ALA A 191 -18.72 14.92 -24.68
N GLY A 192 -17.59 15.19 -24.01
CA GLY A 192 -16.52 14.24 -23.82
C GLY A 192 -16.88 13.02 -23.01
N LEU A 193 -17.51 13.25 -21.86
CA LEU A 193 -17.95 12.19 -21.01
C LEU A 193 -19.16 11.43 -21.68
N THR A 194 -20.00 12.18 -22.40
CA THR A 194 -21.10 11.50 -23.14
C THR A 194 -20.58 10.52 -24.21
N PHE A 195 -19.53 10.95 -24.91
CA PHE A 195 -18.92 10.06 -25.85
C PHE A 195 -18.35 8.81 -25.20
N LEU A 196 -17.62 8.96 -24.10
CA LEU A 196 -17.08 7.81 -23.42
C LEU A 196 -18.22 6.89 -22.93
N VAL A 197 -19.31 7.47 -22.44
CA VAL A 197 -20.39 6.70 -21.85
C VAL A 197 -21.14 5.97 -22.96
N ASP A 198 -21.24 6.64 -24.11
CA ASP A 198 -21.77 6.03 -25.32
C ASP A 198 -20.98 4.85 -25.91
N LEU A 199 -19.64 4.83 -25.76
CA LEU A 199 -18.79 3.71 -26.13
C LEU A 199 -19.08 2.51 -25.23
N ILE A 200 -19.37 2.77 -23.96
CA ILE A 200 -19.65 1.71 -22.98
C ILE A 200 -21.07 1.13 -23.18
N LYS A 201 -22.03 2.07 -23.33
CA LYS A 201 -23.42 1.73 -23.66
C LYS A 201 -23.50 0.81 -24.90
N ASN A 202 -22.76 1.18 -25.96
CA ASN A 202 -22.76 0.37 -27.19
C ASN A 202 -21.78 -0.79 -27.19
N LYS A 203 -21.27 -1.14 -26.02
CA LYS A 203 -20.42 -2.32 -25.88
C LYS A 203 -19.03 -2.27 -26.57
N HIS A 204 -18.54 -1.08 -26.88
CA HIS A 204 -17.21 -0.96 -27.45
C HIS A 204 -16.14 -1.01 -26.38
N MET A 205 -16.54 -0.70 -25.15
CA MET A 205 -15.67 -0.81 -23.98
C MET A 205 -16.55 -1.26 -22.82
N ASN A 206 -15.91 -1.59 -21.71
CA ASN A 206 -16.55 -2.16 -20.55
C ASN A 206 -16.23 -1.27 -19.39
N ALA A 207 -17.26 -0.89 -18.63
CA ALA A 207 -17.07 -0.07 -17.44
C ALA A 207 -16.05 -0.57 -16.39
N ASP A 208 -15.75 -1.87 -16.38
CA ASP A 208 -14.96 -2.44 -15.31
C ASP A 208 -13.47 -2.59 -15.63
N THR A 209 -13.09 -2.26 -16.87
CA THR A 209 -11.70 -2.30 -17.34
C THR A 209 -10.76 -1.39 -16.51
N ASP A 210 -9.63 -1.98 -16.09
CA ASP A 210 -8.69 -1.27 -15.23
C ASP A 210 -7.30 -1.36 -15.83
N TYR A 211 -6.33 -0.86 -15.11
CA TYR A 211 -5.00 -0.86 -15.57
C TYR A 211 -4.59 -2.27 -16.00
N SER A 212 -4.73 -3.25 -15.09
CA SER A 212 -4.16 -4.59 -15.35
C SER A 212 -4.84 -5.30 -16.48
N ILE A 213 -6.16 -5.10 -16.57
CA ILE A 213 -7.02 -5.76 -17.54
C ILE A 213 -6.67 -5.23 -18.90
N ALA A 214 -6.61 -3.88 -18.99
CA ALA A 214 -6.33 -3.24 -20.23
C ALA A 214 -4.93 -3.60 -20.70
N GLU A 215 -3.97 -3.66 -19.76
CA GLU A 215 -2.60 -3.95 -20.12
C GLU A 215 -2.40 -5.37 -20.68
N ALA A 216 -2.94 -6.36 -19.95
CA ALA A 216 -2.91 -7.76 -20.39
C ALA A 216 -3.56 -7.92 -21.76
N ALA A 217 -4.63 -7.17 -22.06
CA ALA A 217 -5.33 -7.39 -23.33
C ALA A 217 -4.51 -6.90 -24.52
N PHE A 218 -3.91 -5.73 -24.36
CA PHE A 218 -3.07 -5.16 -25.40
C PHE A 218 -1.83 -6.00 -25.58
N ASN A 219 -1.14 -6.26 -24.46
CA ASN A 219 0.06 -7.09 -24.53
C ASN A 219 -0.14 -8.55 -25.05
N LYS A 220 -1.37 -9.06 -25.00
CA LYS A 220 -1.64 -10.39 -25.57
C LYS A 220 -2.16 -10.31 -27.01
N GLY A 221 -2.43 -9.10 -27.48
CA GLY A 221 -2.92 -8.91 -28.85
C GLY A 221 -4.40 -9.06 -28.97
N GLU A 222 -5.17 -8.89 -27.89
CA GLU A 222 -6.64 -9.05 -27.89
C GLU A 222 -7.38 -7.75 -28.27
N THR A 223 -6.66 -6.63 -28.16
CA THR A 223 -7.19 -5.32 -28.48
C THR A 223 -6.22 -4.52 -29.30
N ALA A 224 -6.71 -3.76 -30.28
CA ALA A 224 -5.80 -3.05 -31.27
C ALA A 224 -5.07 -1.84 -30.68
N MET A 225 -5.70 -1.25 -29.66
CA MET A 225 -5.17 -0.08 -29.04
C MET A 225 -5.28 -0.05 -27.54
N THR A 226 -4.41 0.76 -26.94
CA THR A 226 -4.56 1.17 -25.60
C THR A 226 -4.15 2.60 -25.34
N ILE A 227 -4.51 3.14 -24.17
CA ILE A 227 -4.10 4.50 -23.81
C ILE A 227 -3.22 4.39 -22.59
N ASN A 228 -1.95 4.81 -22.74
CA ASN A 228 -0.96 4.60 -21.70
C ASN A 228 0.26 5.50 -21.82
N GLY A 229 1.09 5.46 -20.79
CA GLY A 229 2.26 6.36 -20.75
C GLY A 229 3.57 5.62 -20.86
N PRO A 230 4.68 6.38 -20.89
CA PRO A 230 6.00 5.81 -21.08
C PRO A 230 6.32 4.55 -20.25
N TRP A 231 5.95 4.55 -18.98
CA TRP A 231 6.25 3.42 -18.09
C TRP A 231 5.81 2.08 -18.66
N ALA A 232 4.70 2.07 -19.40
CA ALA A 232 4.08 0.88 -19.96
C ALA A 232 4.81 0.17 -21.10
N TRP A 233 5.75 0.85 -21.75
CA TRP A 233 6.34 0.37 -23.04
C TRP A 233 7.28 -0.80 -22.82
N SER A 234 7.91 -0.91 -21.64
CA SER A 234 8.82 -2.05 -21.38
C SER A 234 8.11 -3.40 -21.51
N ASN A 235 6.94 -3.51 -20.91
CA ASN A 235 6.17 -4.74 -20.91
C ASN A 235 5.71 -5.00 -22.30
N ILE A 236 5.43 -3.95 -23.05
CA ILE A 236 5.03 -4.16 -24.48
C ILE A 236 6.19 -4.68 -25.31
N ASP A 237 7.37 -4.06 -25.16
CA ASP A 237 8.63 -4.63 -25.67
C ASP A 237 8.83 -6.15 -25.38
N THR A 238 8.65 -6.59 -24.12
CA THR A 238 8.75 -8.00 -23.80
C THR A 238 7.70 -8.81 -24.52
N SER A 239 6.53 -8.24 -24.85
CA SER A 239 5.41 -9.08 -25.38
C SER A 239 5.46 -9.46 -26.87
N LYS A 240 6.34 -8.92 -27.70
CA LYS A 240 6.08 -9.34 -29.13
C LYS A 240 4.81 -8.79 -29.84
N VAL A 241 4.07 -7.86 -29.16
CA VAL A 241 3.21 -6.99 -29.96
C VAL A 241 4.12 -5.98 -30.69
N ASN A 242 3.86 -5.75 -31.97
CA ASN A 242 4.58 -4.74 -32.76
C ASN A 242 3.75 -3.46 -32.69
N TYR A 243 4.24 -2.50 -31.92
CA TYR A 243 3.42 -1.37 -31.50
C TYR A 243 3.98 0.00 -31.93
N GLY A 244 3.10 0.98 -32.07
CA GLY A 244 3.52 2.30 -32.43
C GLY A 244 2.98 3.18 -31.30
N VAL A 245 3.58 4.37 -31.13
CA VAL A 245 3.21 5.35 -30.11
C VAL A 245 2.92 6.68 -30.87
N THR A 246 1.67 7.11 -30.78
CA THR A 246 1.18 8.17 -31.64
C THR A 246 0.30 9.24 -30.87
N VAL A 247 -0.09 10.31 -31.57
CA VAL A 247 -1.03 11.31 -31.03
C VAL A 247 -2.36 10.63 -30.70
N LEU A 248 -2.88 10.99 -29.54
CA LEU A 248 -4.20 10.63 -29.15
C LEU A 248 -5.27 11.02 -30.21
N PRO A 249 -6.36 10.22 -30.32
CA PRO A 249 -7.44 10.57 -31.27
C PRO A 249 -7.94 12.03 -31.07
N THR A 250 -8.51 12.68 -32.08
CA THR A 250 -9.07 14.00 -31.78
C THR A 250 -10.52 13.74 -31.39
N PHE A 251 -11.16 14.74 -30.79
CA PHE A 251 -12.60 14.66 -30.47
C PHE A 251 -13.26 15.97 -30.91
N LYS A 252 -14.40 15.81 -31.60
CA LYS A 252 -15.03 16.92 -32.30
C LYS A 252 -13.99 17.80 -33.06
N GLY A 253 -13.03 17.14 -33.69
CA GLY A 253 -12.01 17.83 -34.47
C GLY A 253 -10.98 18.53 -33.61
N GLN A 254 -10.98 18.22 -32.32
CA GLN A 254 -10.02 18.80 -31.39
C GLN A 254 -9.07 17.74 -30.84
N PRO A 255 -7.83 18.13 -30.58
CA PRO A 255 -6.83 17.19 -30.08
C PRO A 255 -7.03 16.86 -28.60
N SER A 256 -6.99 15.58 -28.25
CA SER A 256 -7.15 15.15 -26.89
C SER A 256 -6.11 15.88 -26.06
N LYS A 257 -6.45 16.21 -24.80
CA LYS A 257 -5.66 17.08 -23.93
C LYS A 257 -5.28 16.39 -22.63
N PRO A 258 -4.22 15.59 -22.67
CA PRO A 258 -3.96 14.89 -21.44
C PRO A 258 -3.43 15.86 -20.36
N PHE A 259 -3.72 15.56 -19.10
CA PHE A 259 -3.07 16.22 -18.01
C PHE A 259 -1.61 15.75 -17.91
N VAL A 260 -0.66 16.70 -18.03
CA VAL A 260 0.78 16.37 -18.05
C VAL A 260 1.40 16.31 -16.65
N GLY A 261 2.05 15.21 -16.29
CA GLY A 261 2.66 15.05 -14.98
C GLY A 261 4.20 15.04 -15.11
N VAL A 262 4.86 15.53 -14.07
CA VAL A 262 6.30 15.61 -14.00
C VAL A 262 6.50 14.73 -12.80
N LEU A 263 6.98 13.48 -13.02
CA LEU A 263 7.40 12.62 -11.95
C LEU A 263 8.46 13.37 -11.20
N SER A 264 8.30 13.40 -9.87
CA SER A 264 9.06 14.31 -9.01
C SER A 264 9.35 13.52 -7.74
N ALA A 265 10.46 13.92 -7.11
CA ALA A 265 10.97 13.35 -5.89
C ALA A 265 10.98 14.36 -4.70
N GLY A 266 10.02 14.22 -3.80
CA GLY A 266 9.94 15.05 -2.61
C GLY A 266 10.76 14.52 -1.42
N ILE A 267 11.31 15.44 -0.61
CA ILE A 267 12.03 15.03 0.57
C ILE A 267 11.15 15.24 1.85
N ASN A 268 10.82 14.15 2.53
CA ASN A 268 9.99 14.25 3.74
C ASN A 268 10.61 15.26 4.72
N ALA A 269 9.81 16.21 5.17
CA ALA A 269 10.20 17.18 6.18
C ALA A 269 10.61 16.51 7.44
N ALA A 270 10.16 15.29 7.69
CA ALA A 270 10.57 14.62 8.96
C ALA A 270 11.87 13.76 8.84
N SER A 271 12.42 13.68 7.63
CA SER A 271 13.59 12.85 7.33
C SER A 271 14.85 13.38 7.99
N PRO A 272 15.55 12.52 8.78
CA PRO A 272 16.78 12.95 9.46
C PRO A 272 18.02 12.75 8.58
N ASN A 273 17.75 12.47 7.29
CA ASN A 273 18.71 12.14 6.29
C ASN A 273 18.57 13.08 5.08
N LYS A 274 18.36 14.39 5.31
CA LYS A 274 18.08 15.33 4.19
C LYS A 274 19.27 15.57 3.27
N GLU A 275 20.45 15.68 3.86
CA GLU A 275 21.69 15.73 3.07
C GLU A 275 21.92 14.46 2.24
N LEU A 276 21.65 13.28 2.81
CA LEU A 276 21.79 12.05 2.02
C LEU A 276 20.83 12.03 0.84
N ALA A 277 19.58 12.46 1.10
CA ALA A 277 18.50 12.48 0.09
C ALA A 277 18.87 13.47 -1.07
N LYS A 278 19.51 14.56 -0.69
CA LYS A 278 19.91 15.58 -1.63
C LYS A 278 20.99 15.02 -2.55
N GLU A 279 21.96 14.39 -1.93
CA GLU A 279 23.10 13.83 -2.65
C GLU A 279 22.67 12.72 -3.60
N PHE A 280 21.81 11.84 -3.13
CA PHE A 280 21.20 10.79 -3.96
C PHE A 280 20.45 11.38 -5.16
N LEU A 281 19.55 12.32 -4.94
CA LEU A 281 18.76 12.87 -6.04
C LEU A 281 19.61 13.69 -7.05
N GLU A 282 20.55 14.49 -6.57
CA GLU A 282 21.34 15.36 -7.41
C GLU A 282 22.48 14.62 -8.07
N ASN A 283 23.16 13.78 -7.34
CA ASN A 283 24.40 13.28 -7.84
C ASN A 283 24.39 11.82 -8.26
N TYR A 284 23.27 11.17 -8.12
CA TYR A 284 23.07 9.82 -8.58
C TYR A 284 21.85 9.58 -9.46
N LEU A 285 20.73 10.19 -9.14
CA LEU A 285 19.55 9.89 -9.90
C LEU A 285 19.56 10.84 -11.06
N LEU A 286 19.68 12.11 -10.78
CA LEU A 286 19.59 13.07 -11.86
C LEU A 286 20.92 13.26 -12.60
N THR A 287 21.45 12.15 -13.13
CA THR A 287 22.62 12.12 -14.00
C THR A 287 22.25 11.25 -15.18
N ASP A 288 23.10 11.22 -16.20
CA ASP A 288 22.84 10.43 -17.39
C ASP A 288 22.86 8.94 -17.06
N GLU A 289 23.75 8.57 -16.15
CA GLU A 289 23.85 7.19 -15.71
C GLU A 289 22.66 6.74 -14.88
N GLY A 290 22.33 7.51 -13.85
CA GLY A 290 21.21 7.24 -12.93
C GLY A 290 19.86 7.07 -13.65
N LEU A 291 19.46 8.06 -14.44
CA LEU A 291 18.26 7.99 -15.27
C LEU A 291 18.22 6.82 -16.26
N GLU A 292 19.37 6.46 -16.80
CA GLU A 292 19.45 5.41 -17.78
C GLU A 292 19.25 4.04 -17.13
N ALA A 293 19.76 3.87 -15.90
CA ALA A 293 19.44 2.72 -15.03
C ALA A 293 17.96 2.61 -14.78
N VAL A 294 17.29 3.77 -14.61
CA VAL A 294 15.85 3.73 -14.35
C VAL A 294 15.03 3.58 -15.65
N ASN A 295 15.37 4.38 -16.64
CA ASN A 295 14.72 4.34 -17.93
C ASN A 295 14.82 2.99 -18.60
N LYS A 296 15.94 2.35 -18.40
CA LYS A 296 16.15 0.94 -18.79
C LYS A 296 15.13 0.01 -18.16
N ASP A 297 14.82 0.22 -16.89
CA ASP A 297 13.79 -0.56 -16.22
C ASP A 297 12.41 -0.25 -16.82
N LYS A 298 11.90 0.97 -16.67
CA LYS A 298 10.61 1.36 -17.22
C LYS A 298 10.84 2.79 -17.69
N PRO A 299 10.59 3.04 -19.01
CA PRO A 299 10.88 4.34 -19.57
C PRO A 299 10.16 5.44 -18.79
N LEU A 300 10.84 6.55 -18.66
CA LEU A 300 10.41 7.61 -17.79
C LEU A 300 9.62 8.61 -18.56
N GLY A 301 9.78 8.59 -19.87
CA GLY A 301 9.25 9.72 -20.64
C GLY A 301 10.37 10.71 -20.96
N ALA A 302 10.02 12.01 -21.13
CA ALA A 302 10.97 13.02 -21.49
C ALA A 302 11.71 13.43 -20.24
N VAL A 303 12.99 13.14 -20.07
CA VAL A 303 13.56 13.40 -18.72
C VAL A 303 13.86 14.88 -18.47
N ALA A 304 13.89 15.28 -17.19
CA ALA A 304 14.12 16.69 -16.83
C ALA A 304 15.53 17.18 -17.13
N LEU A 305 16.49 16.26 -17.01
CA LEU A 305 17.90 16.47 -17.20
C LEU A 305 18.23 16.68 -18.71
N LYS A 306 18.51 17.92 -19.10
CA LYS A 306 18.78 18.26 -20.50
C LYS A 306 19.73 17.32 -21.27
N SER A 307 20.93 17.12 -20.73
CA SER A 307 21.96 16.24 -21.32
C SER A 307 21.43 14.82 -21.65
N TYR A 308 20.58 14.26 -20.79
CA TYR A 308 20.05 12.92 -21.09
C TYR A 308 18.86 12.99 -22.04
N GLU A 309 18.00 13.99 -21.88
CA GLU A 309 16.87 14.20 -22.79
C GLU A 309 17.20 14.31 -24.27
N GLU A 310 18.37 14.84 -24.64
CA GLU A 310 18.77 14.98 -26.07
C GLU A 310 19.02 13.61 -26.75
N GLU A 311 19.42 12.62 -25.95
CA GLU A 311 19.55 11.26 -26.45
C GLU A 311 18.17 10.61 -26.60
N LEU A 312 17.33 10.80 -25.59
CA LEU A 312 15.95 10.28 -25.61
C LEU A 312 15.03 10.92 -26.62
N ALA A 313 15.32 12.17 -26.98
CA ALA A 313 14.43 12.96 -27.81
C ALA A 313 14.30 12.41 -29.25
N LYS A 314 15.32 11.71 -29.71
CA LYS A 314 15.32 11.13 -31.05
C LYS A 314 14.36 9.95 -31.17
N ASP A 315 13.99 9.36 -30.04
CA ASP A 315 13.09 8.23 -30.01
C ASP A 315 11.75 8.71 -30.44
N PRO A 316 11.17 8.12 -31.53
CA PRO A 316 9.83 8.51 -32.03
C PRO A 316 8.70 8.31 -31.01
N ARG A 317 8.88 7.50 -29.97
CA ARG A 317 7.85 7.28 -28.93
C ARG A 317 7.87 8.49 -28.01
N ILE A 318 9.07 9.05 -27.85
CA ILE A 318 9.33 10.25 -27.04
C ILE A 318 8.88 11.50 -27.76
N ALA A 319 9.14 11.56 -29.07
CA ALA A 319 8.55 12.61 -29.89
C ALA A 319 7.01 12.61 -29.79
N ALA A 320 6.36 11.43 -29.79
CA ALA A 320 4.91 11.44 -29.74
C ALA A 320 4.42 11.70 -28.30
N THR A 321 5.24 11.39 -27.30
CA THR A 321 4.92 11.66 -25.89
C THR A 321 4.91 13.18 -25.70
N MET A 322 5.90 13.84 -26.29
CA MET A 322 6.04 15.30 -26.15
C MET A 322 5.00 16.05 -26.96
N GLU A 323 4.50 15.43 -28.01
CA GLU A 323 3.50 16.05 -28.83
C GLU A 323 2.10 16.03 -28.21
N ASN A 324 1.76 14.91 -27.59
CA ASN A 324 0.59 14.82 -26.71
C ASN A 324 0.64 15.77 -25.46
N ALA A 325 1.81 15.89 -24.85
CA ALA A 325 2.10 16.80 -23.74
C ALA A 325 1.82 18.25 -24.15
N GLN A 326 2.36 18.66 -25.31
CA GLN A 326 2.14 20.02 -25.82
C GLN A 326 0.68 20.20 -26.19
N LYS A 327 -0.03 19.13 -26.54
CA LYS A 327 -1.45 19.33 -26.80
C LYS A 327 -2.30 19.38 -25.53
N GLY A 328 -1.78 18.91 -24.40
CA GLY A 328 -2.49 18.92 -23.12
C GLY A 328 -2.08 20.07 -22.24
N GLU A 329 -2.22 19.89 -20.92
CA GLU A 329 -1.91 20.96 -19.94
C GLU A 329 -1.10 20.38 -18.82
N ILE A 330 -0.12 21.15 -18.35
CA ILE A 330 0.63 20.78 -17.13
C ILE A 330 -0.36 20.70 -15.92
N MET A 331 -0.31 19.65 -15.14
CA MET A 331 -1.17 19.64 -13.96
C MET A 331 -0.83 20.85 -13.07
N PRO A 332 -1.87 21.47 -12.44
CA PRO A 332 -1.64 22.29 -11.24
C PRO A 332 -1.02 21.44 -10.16
N ASN A 333 -0.25 22.06 -9.26
CA ASN A 333 0.17 21.36 -8.03
C ASN A 333 -0.61 21.81 -6.78
N ILE A 334 -1.63 22.64 -6.95
CA ILE A 334 -2.32 23.28 -5.84
C ILE A 334 -2.98 22.22 -4.95
N PRO A 335 -3.21 22.54 -3.64
CA PRO A 335 -3.75 21.51 -2.75
C PRO A 335 -5.09 20.91 -3.21
N GLN A 336 -5.85 21.65 -4.04
CA GLN A 336 -7.21 21.26 -4.41
C GLN A 336 -7.28 20.18 -5.48
N MET A 337 -6.11 19.72 -5.94
CA MET A 337 -6.09 18.73 -7.00
C MET A 337 -6.58 17.38 -6.54
N SER A 338 -6.32 17.02 -5.32
CA SER A 338 -6.75 15.67 -4.97
C SER A 338 -8.29 15.62 -4.94
N ALA A 339 -8.95 16.64 -4.37
CA ALA A 339 -10.42 16.85 -4.50
C ALA A 339 -10.93 16.82 -5.96
N PHE A 340 -10.25 17.55 -6.85
CA PHE A 340 -10.62 17.56 -8.26
C PHE A 340 -10.61 16.14 -8.80
N TRP A 341 -9.49 15.42 -8.63
CA TRP A 341 -9.35 14.00 -9.02
C TRP A 341 -10.38 13.03 -8.39
N TYR A 342 -10.61 13.12 -7.08
CA TYR A 342 -11.67 12.28 -6.47
C TYR A 342 -13.07 12.54 -7.06
N ALA A 343 -13.37 13.82 -7.32
CA ALA A 343 -14.64 14.25 -7.93
C ALA A 343 -14.78 13.74 -9.38
N VAL A 344 -13.69 13.77 -10.16
CA VAL A 344 -13.80 13.26 -11.55
C VAL A 344 -13.79 11.74 -11.57
N ARG A 345 -13.10 11.14 -10.61
CA ARG A 345 -13.16 9.68 -10.47
C ARG A 345 -14.59 9.18 -10.31
N THR A 346 -15.31 9.71 -9.34
CA THR A 346 -16.72 9.38 -9.08
C THR A 346 -17.61 9.75 -10.24
N ALA A 347 -17.44 10.97 -10.79
CA ALA A 347 -18.13 11.34 -12.04
C ALA A 347 -18.07 10.26 -13.10
N VAL A 348 -16.87 9.89 -13.54
CA VAL A 348 -16.70 8.95 -14.64
C VAL A 348 -17.26 7.55 -14.22
N ILE A 349 -16.94 7.10 -13.02
CA ILE A 349 -17.47 5.80 -12.56
C ILE A 349 -18.98 5.76 -12.61
N ASN A 350 -19.62 6.84 -12.21
CA ASN A 350 -21.06 6.81 -12.00
C ASN A 350 -21.77 6.96 -13.31
N ALA A 351 -21.21 7.78 -14.21
CA ALA A 351 -21.72 7.92 -15.58
C ALA A 351 -21.54 6.65 -16.38
N ALA A 352 -20.34 6.07 -16.39
CA ALA A 352 -20.09 4.69 -16.95
C ALA A 352 -21.08 3.58 -16.48
N SER A 353 -21.34 3.50 -15.17
CA SER A 353 -22.21 2.49 -14.57
C SER A 353 -23.69 2.78 -14.68
N GLY A 354 -24.09 4.02 -15.01
CA GLY A 354 -25.53 4.40 -15.07
C GLY A 354 -26.09 5.07 -13.81
N ARG A 355 -25.28 5.07 -12.74
CA ARG A 355 -25.77 5.55 -11.45
C ARG A 355 -26.22 7.01 -11.52
N GLN A 356 -25.58 7.78 -12.38
CA GLN A 356 -25.94 9.17 -12.59
C GLN A 356 -25.88 9.40 -14.08
N THR A 357 -26.67 10.33 -14.61
CA THR A 357 -26.52 10.71 -16.00
C THR A 357 -25.21 11.52 -16.14
N VAL A 358 -24.76 11.76 -17.37
CA VAL A 358 -23.65 12.69 -17.57
C VAL A 358 -23.88 14.09 -16.90
N ASP A 359 -25.08 14.65 -17.01
CA ASP A 359 -25.29 16.00 -16.47
C ASP A 359 -25.21 16.05 -14.96
N GLU A 360 -25.81 15.07 -14.31
CA GLU A 360 -25.80 15.08 -12.89
C GLU A 360 -24.45 14.65 -12.32
N ALA A 361 -23.73 13.75 -13.00
CA ALA A 361 -22.32 13.38 -12.60
C ALA A 361 -21.37 14.59 -12.62
N LEU A 362 -21.27 15.26 -13.76
CA LEU A 362 -20.44 16.48 -13.87
C LEU A 362 -20.88 17.61 -12.94
N LYS A 363 -22.19 17.69 -12.63
CA LYS A 363 -22.65 18.70 -11.67
C LYS A 363 -22.08 18.48 -10.29
N ASP A 364 -22.24 17.28 -9.76
CA ASP A 364 -21.72 16.91 -8.46
C ASP A 364 -20.19 17.01 -8.43
N ALA A 365 -19.51 16.55 -9.49
CA ALA A 365 -18.05 16.80 -9.59
C ALA A 365 -17.68 18.30 -9.50
N GLN A 366 -18.50 19.18 -10.10
CA GLN A 366 -18.23 20.59 -10.08
C GLN A 366 -18.32 21.08 -8.65
N THR A 367 -19.43 20.83 -7.98
CA THR A 367 -19.57 21.07 -6.54
C THR A 367 -18.42 20.48 -5.69
N ASN A 368 -18.01 19.24 -5.94
CA ASN A 368 -16.96 18.63 -5.12
C ASN A 368 -15.53 19.10 -5.43
N SER A 369 -15.30 19.51 -6.67
CA SER A 369 -14.02 20.05 -7.07
C SER A 369 -13.82 21.41 -6.46
N SER A 370 -14.86 22.25 -6.48
CA SER A 370 -14.71 23.69 -6.13
C SER A 370 -15.04 24.06 -4.68
N SER A 371 -15.39 23.04 -3.87
CA SER A 371 -16.09 23.21 -2.58
C SER A 371 -16.42 21.85 -1.95
N SER B 1 -13.64 33.94 11.77
CA SER B 1 -12.34 33.94 12.51
C SER B 1 -12.49 33.88 14.03
N VAL B 2 -11.58 33.11 14.64
CA VAL B 2 -11.44 33.10 16.08
C VAL B 2 -9.98 33.03 16.57
N LYS B 3 -9.62 34.07 17.31
CA LYS B 3 -8.35 34.18 17.98
C LYS B 3 -8.34 33.42 19.33
N VAL B 4 -7.29 32.64 19.58
CA VAL B 4 -7.07 31.97 20.85
C VAL B 4 -5.63 32.14 21.41
N VAL B 5 -5.45 32.00 22.72
CA VAL B 5 -4.11 31.82 23.29
C VAL B 5 -3.88 30.33 23.65
N ILE B 6 -2.69 29.83 23.32
CA ILE B 6 -2.33 28.45 23.59
C ILE B 6 -1.10 28.38 24.49
N GLU B 7 -1.30 27.82 25.65
CA GLU B 7 -0.25 27.64 26.57
C GLU B 7 0.08 26.16 26.61
N ALA B 8 1.34 25.85 26.57
CA ALA B 8 1.74 24.45 26.57
C ALA B 8 2.98 24.28 27.45
N ASP B 9 3.09 23.09 28.05
CA ASP B 9 4.26 22.72 28.79
C ASP B 9 4.42 21.22 28.85
N GLY B 10 5.65 20.76 29.12
CA GLY B 10 5.87 19.36 29.46
C GLY B 10 7.24 19.17 30.06
N GLY B 11 7.43 18.00 30.71
CA GLY B 11 8.71 17.70 31.36
C GLY B 11 8.76 16.21 31.77
N SER B 12 9.91 15.78 32.28
CA SER B 12 10.09 14.40 32.71
C SER B 12 10.81 14.41 34.05
N ARG B 13 10.75 13.25 34.72
CA ARG B 13 11.52 13.06 35.92
C ARG B 13 12.64 12.14 35.49
N GLY B 14 13.79 12.69 35.20
CA GLY B 14 14.89 11.96 34.62
C GLY B 14 15.47 12.35 33.27
N ASN B 15 14.62 12.84 32.38
CA ASN B 15 15.07 13.35 31.09
C ASN B 15 16.13 12.53 30.38
N PRO B 16 15.75 11.34 30.01
CA PRO B 16 14.32 11.02 30.03
C PRO B 16 13.91 10.31 31.29
N GLY B 17 12.61 10.09 31.39
CA GLY B 17 12.02 9.43 32.55
C GLY B 17 10.52 9.51 32.41
N PRO B 18 9.78 9.07 33.47
CA PRO B 18 8.31 9.24 33.52
C PRO B 18 7.90 10.71 33.22
N ALA B 19 7.04 10.91 32.21
CA ALA B 19 6.84 12.27 31.68
C ALA B 19 5.38 12.66 31.63
N GLY B 20 5.15 13.95 31.37
CA GLY B 20 3.83 14.50 31.19
C GLY B 20 3.83 15.87 30.54
N TYR B 21 2.63 16.27 30.14
CA TYR B 21 2.46 17.55 29.46
C TYR B 21 1.07 18.05 29.70
N GLY B 22 0.91 19.35 29.55
CA GLY B 22 -0.37 20.00 29.69
C GLY B 22 -0.51 21.03 28.59
N ALA B 23 -1.77 21.29 28.25
CA ALA B 23 -2.04 22.31 27.26
C ALA B 23 -3.33 22.92 27.68
N VAL B 24 -3.46 24.25 27.44
CA VAL B 24 -4.66 25.00 27.80
C VAL B 24 -4.92 25.96 26.68
N VAL B 25 -6.14 25.97 26.14
CA VAL B 25 -6.49 26.92 25.05
C VAL B 25 -7.47 27.94 25.66
N TRP B 26 -7.14 29.21 25.57
CA TRP B 26 -7.94 30.26 26.22
C TRP B 26 -8.55 31.11 25.11
N THR B 27 -9.67 31.76 25.41
CA THR B 27 -10.21 32.84 24.56
C THR B 27 -9.09 33.89 24.42
N ALA B 28 -9.15 34.73 23.38
CA ALA B 28 -8.10 35.74 23.13
C ALA B 28 -7.82 36.61 24.37
N ASP B 29 -8.86 36.99 25.10
CA ASP B 29 -8.69 37.82 26.31
C ASP B 29 -8.22 37.05 27.56
N HIS B 30 -8.05 35.73 27.46
CA HIS B 30 -7.50 34.95 28.56
C HIS B 30 -8.48 34.86 29.71
N SER B 31 -9.78 34.98 29.43
CA SER B 31 -10.80 34.90 30.51
C SER B 31 -11.37 33.52 30.71
N THR B 32 -11.33 32.71 29.66
CA THR B 32 -12.09 31.46 29.67
C THR B 32 -11.25 30.38 29.08
N VAL B 33 -11.37 29.15 29.60
CA VAL B 33 -10.66 28.03 29.00
C VAL B 33 -11.56 27.26 28.00
N LEU B 34 -11.21 27.33 26.72
CA LEU B 34 -11.96 26.63 25.70
C LEU B 34 -11.63 25.12 25.63
N ALA B 35 -10.43 24.75 26.04
CA ALA B 35 -10.04 23.36 26.15
C ALA B 35 -8.77 23.19 26.93
N GLU B 36 -8.38 21.96 27.14
CA GLU B 36 -7.22 21.70 27.94
C GLU B 36 -6.83 20.22 27.80
N SER B 37 -5.65 19.94 28.15
CA SER B 37 -5.08 18.61 28.08
C SER B 37 -4.09 18.44 29.20
N LYS B 38 -4.08 17.20 29.92
CA LYS B 38 -3.04 16.78 30.86
C LYS B 38 -2.79 15.29 30.69
N GLN B 39 -1.62 14.95 30.17
CA GLN B 39 -1.30 13.58 29.88
C GLN B 39 0.02 13.07 30.41
N ALA B 40 -0.01 11.97 31.14
CA ALA B 40 1.16 11.17 31.44
C ALA B 40 1.69 10.46 30.15
N ILE B 41 2.99 10.33 30.01
CA ILE B 41 3.61 9.50 28.99
C ILE B 41 4.66 8.60 29.71
N GLY B 42 4.69 7.33 29.47
CA GLY B 42 5.59 6.50 30.26
C GLY B 42 7.09 6.86 30.47
N ARG B 43 7.68 7.44 29.45
CA ARG B 43 9.10 7.76 29.38
C ARG B 43 9.27 8.74 28.24
N ALA B 44 9.95 9.83 28.47
CA ALA B 44 10.17 10.89 27.48
C ALA B 44 11.27 11.82 27.97
N THR B 45 12.11 12.37 27.07
CA THR B 45 12.96 13.53 27.40
C THR B 45 12.07 14.76 27.73
N ASN B 46 12.66 15.77 28.40
CA ASN B 46 11.95 17.02 28.61
C ASN B 46 11.50 17.59 27.26
N ASN B 47 12.37 17.63 26.25
CA ASN B 47 11.99 18.24 24.95
C ASN B 47 10.89 17.53 24.23
N VAL B 48 10.84 16.23 24.44
CA VAL B 48 9.83 15.42 23.79
C VAL B 48 8.50 15.78 24.43
N ALA B 49 8.47 15.73 25.76
CA ALA B 49 7.23 16.07 26.52
C ALA B 49 6.72 17.47 26.14
N GLU B 50 7.64 18.40 26.01
CA GLU B 50 7.31 19.76 25.62
C GLU B 50 6.62 19.93 24.27
N TYR B 51 7.14 19.24 23.24
CA TYR B 51 6.56 19.27 21.93
C TYR B 51 5.19 18.64 21.95
N ARG B 52 5.09 17.50 22.65
CA ARG B 52 3.82 16.85 22.86
C ARG B 52 2.75 17.70 23.56
N GLY B 53 3.18 18.52 24.51
CA GLY B 53 2.33 19.61 25.02
C GLY B 53 1.93 20.56 23.92
N LEU B 54 2.85 21.13 23.15
CA LEU B 54 2.48 22.02 22.03
C LEU B 54 1.49 21.34 21.05
N ILE B 55 1.75 20.06 20.75
CA ILE B 55 0.89 19.36 19.82
C ILE B 55 -0.51 19.21 20.38
N ALA B 56 -0.67 18.74 21.63
CA ALA B 56 -2.01 18.67 22.21
C ALA B 56 -2.74 20.05 22.16
N GLY B 57 -2.01 21.10 22.46
CA GLY B 57 -2.49 22.50 22.39
C GLY B 57 -3.02 22.92 21.04
N LEU B 58 -2.18 22.72 20.03
CA LEU B 58 -2.49 23.00 18.64
C LEU B 58 -3.70 22.20 18.14
N ASP B 59 -3.81 20.93 18.56
CA ASP B 59 -4.82 19.97 18.11
C ASP B 59 -6.14 20.35 18.73
N ASP B 60 -6.11 20.66 20.03
CA ASP B 60 -7.23 21.23 20.76
C ASP B 60 -7.80 22.47 20.10
N ALA B 61 -6.93 23.37 19.67
CA ALA B 61 -7.32 24.65 19.14
C ALA B 61 -7.96 24.46 17.74
N VAL B 62 -7.36 23.59 16.92
CA VAL B 62 -7.91 23.22 15.64
C VAL B 62 -9.33 22.62 15.80
N LYS B 63 -9.47 21.61 16.67
CA LYS B 63 -10.74 20.95 16.87
C LYS B 63 -11.87 21.91 17.38
N LEU B 64 -11.53 22.95 18.15
CA LEU B 64 -12.52 23.92 18.59
C LEU B 64 -12.76 25.01 17.54
N GLY B 65 -11.94 25.02 16.51
CA GLY B 65 -12.26 25.82 15.36
C GLY B 65 -11.49 27.12 15.32
N ALA B 66 -10.29 27.17 15.91
CA ALA B 66 -9.48 28.40 15.96
C ALA B 66 -8.91 28.69 14.60
N THR B 67 -8.86 29.97 14.26
CA THR B 67 -8.25 30.43 12.99
C THR B 67 -6.91 31.10 13.31
N GLU B 68 -6.74 31.51 14.56
CA GLU B 68 -5.59 32.32 14.94
C GLU B 68 -5.15 32.05 16.34
N ALA B 69 -3.85 31.88 16.54
CA ALA B 69 -3.33 31.51 17.85
C ALA B 69 -2.05 32.21 18.18
N ALA B 70 -1.97 32.65 19.43
CA ALA B 70 -0.69 33.04 20.01
C ALA B 70 -0.33 31.92 21.02
N VAL B 71 0.88 31.40 20.84
CA VAL B 71 1.38 30.23 21.57
C VAL B 71 2.40 30.72 22.60
N LEU B 72 2.25 30.28 23.85
CA LEU B 72 3.15 30.67 24.94
C LEU B 72 3.71 29.41 25.56
N MET B 73 5.04 29.33 25.66
CA MET B 73 5.70 28.19 26.33
C MET B 73 6.96 28.63 27.03
N ASP B 74 7.46 27.81 27.96
CA ASP B 74 8.68 28.18 28.68
C ASP B 74 9.86 27.38 28.15
N SER B 75 9.57 26.59 27.13
CA SER B 75 10.59 25.90 26.35
C SER B 75 11.19 26.76 25.25
N LYS B 76 12.42 27.18 25.45
CA LYS B 76 13.17 28.00 24.48
C LYS B 76 13.44 27.22 23.20
N LEU B 77 13.78 25.96 23.39
CA LEU B 77 14.04 25.08 22.28
C LEU B 77 12.79 24.91 21.38
N VAL B 78 11.63 24.62 21.96
CA VAL B 78 10.40 24.49 21.13
C VAL B 78 10.05 25.80 20.42
N VAL B 79 10.04 26.91 21.15
CA VAL B 79 9.65 28.23 20.58
C VAL B 79 10.58 28.63 19.46
N GLU B 80 11.88 28.46 19.67
CA GLU B 80 12.90 28.82 18.68
C GLU B 80 12.87 27.97 17.40
N GLN B 81 12.62 26.67 17.58
CA GLN B 81 12.47 25.77 16.45
C GLN B 81 11.24 26.10 15.69
N MET B 82 10.12 26.16 16.41
CA MET B 82 8.85 26.49 15.77
C MET B 82 8.83 27.83 15.00
N SER B 83 9.59 28.79 15.50
CA SER B 83 9.62 30.11 14.95
C SER B 83 10.57 30.22 13.76
N GLY B 84 11.26 29.10 13.48
CA GLY B 84 12.20 28.92 12.36
C GLY B 84 13.62 29.39 12.66
N ARG B 85 13.90 29.68 13.92
CA ARG B 85 15.22 30.15 14.32
C ARG B 85 15.99 29.09 15.11
N TRP B 86 15.81 27.87 14.77
CA TRP B 86 16.72 26.90 15.26
C TRP B 86 16.25 25.83 14.40
N LYS B 87 17.21 25.09 13.96
CA LYS B 87 17.16 24.13 12.86
C LYS B 87 17.10 22.86 13.69
N VAL B 88 15.98 22.15 13.59
CA VAL B 88 15.79 20.91 14.35
C VAL B 88 16.68 19.78 13.81
N LYS B 89 17.49 19.21 14.69
CA LYS B 89 18.58 18.35 14.32
C LYS B 89 18.20 16.85 14.49
N HIS B 90 17.69 16.55 15.67
CA HIS B 90 17.59 15.18 16.14
C HIS B 90 16.32 14.63 15.60
N PRO B 91 16.30 13.32 15.32
CA PRO B 91 15.22 12.65 14.57
C PRO B 91 13.93 12.56 15.36
N ASP B 92 14.07 12.47 16.69
CA ASP B 92 12.91 12.35 17.56
C ASP B 92 12.20 13.69 17.54
N LEU B 93 12.98 14.77 17.63
CA LEU B 93 12.43 16.12 17.58
C LEU B 93 11.81 16.39 16.21
N LEU B 94 12.57 16.15 15.16
CA LEU B 94 12.08 16.34 13.80
C LEU B 94 10.64 15.89 13.70
N LYS B 95 10.41 14.59 13.82
CA LYS B 95 9.05 14.04 13.80
C LYS B 95 7.99 14.95 14.48
N LEU B 96 8.27 15.37 15.72
CA LEU B 96 7.34 16.13 16.52
C LEU B 96 7.14 17.52 15.96
N TYR B 97 8.25 18.13 15.54
CA TYR B 97 8.31 19.41 14.86
C TYR B 97 7.47 19.42 13.56
N VAL B 98 7.63 18.40 12.71
CA VAL B 98 6.81 18.24 11.52
C VAL B 98 5.31 18.03 11.87
N GLN B 99 5.04 17.19 12.86
CA GLN B 99 3.71 16.97 13.39
C GLN B 99 3.04 18.27 13.86
N ALA B 100 3.77 19.10 14.62
CA ALA B 100 3.27 20.40 15.08
C ALA B 100 3.12 21.40 13.95
N GLN B 101 4.08 21.40 13.03
CA GLN B 101 4.01 22.21 11.80
C GLN B 101 2.77 21.91 10.95
N ALA B 102 2.37 20.67 10.92
CA ALA B 102 1.20 20.30 10.10
C ALA B 102 -0.11 20.79 10.79
N LEU B 103 -0.15 20.78 12.11
CA LEU B 103 -1.30 21.32 12.84
C LEU B 103 -1.36 22.83 12.70
N ALA B 104 -0.20 23.49 12.72
CA ALA B 104 -0.09 24.95 12.59
C ALA B 104 -0.37 25.46 11.19
N SER B 105 -0.22 24.62 10.15
CA SER B 105 -0.55 25.05 8.76
C SER B 105 -2.07 25.20 8.63
N GLN B 106 -2.80 24.62 9.59
CA GLN B 106 -4.23 24.67 9.57
C GLN B 106 -4.80 26.01 10.12
N PHE B 107 -3.99 26.78 10.87
CA PHE B 107 -4.33 28.12 11.31
C PHE B 107 -4.03 29.16 10.23
N ARG B 108 -4.89 30.15 10.08
CA ARG B 108 -4.65 31.29 9.20
C ARG B 108 -3.42 32.10 9.64
N ARG B 109 -3.20 32.18 10.95
CA ARG B 109 -2.17 33.01 11.55
C ARG B 109 -1.75 32.35 12.85
N ILE B 110 -0.44 32.26 13.09
CA ILE B 110 0.02 31.68 14.36
C ILE B 110 1.33 32.35 14.80
N ASN B 111 1.55 32.51 16.09
CA ASN B 111 2.86 32.94 16.60
C ASN B 111 3.27 32.25 17.88
N TYR B 112 4.58 32.16 18.10
CA TYR B 112 5.25 31.46 19.18
C TYR B 112 6.14 32.41 19.99
N GLU B 113 5.90 32.41 21.31
CA GLU B 113 6.61 33.28 22.23
C GLU B 113 6.97 32.53 23.49
N TRP B 114 8.24 32.65 23.83
CA TRP B 114 8.78 32.23 25.12
C TRP B 114 8.36 33.20 26.22
N VAL B 115 7.93 32.62 27.33
CA VAL B 115 7.52 33.32 28.55
C VAL B 115 8.15 32.56 29.72
N PRO B 116 8.52 33.29 30.81
CA PRO B 116 9.08 32.60 31.95
C PRO B 116 8.11 31.60 32.52
N ARG B 117 8.65 30.57 33.15
CA ARG B 117 7.84 29.52 33.74
C ARG B 117 6.74 30.07 34.65
N ALA B 118 7.08 31.15 35.37
CA ALA B 118 6.19 31.81 36.30
C ALA B 118 4.98 32.45 35.60
N ARG B 119 5.04 32.58 34.29
CA ARG B 119 3.84 32.97 33.54
C ARG B 119 3.34 31.95 32.56
N ASN B 120 3.37 30.67 32.95
CA ASN B 120 2.81 29.55 32.19
C ASN B 120 2.05 28.67 33.15
N THR B 121 1.80 29.17 34.35
CA THR B 121 1.13 28.40 35.39
C THR B 121 -0.04 27.41 35.30
N TYR B 122 -0.86 27.56 34.26
CA TYR B 122 -1.91 26.61 33.94
C TYR B 122 -1.40 25.38 33.20
N ALA B 123 -0.41 25.54 32.37
CA ALA B 123 0.11 24.41 31.56
C ALA B 123 1.18 23.73 32.46
N ASP B 124 1.89 24.52 33.27
CA ASP B 124 2.90 23.98 34.19
C ASP B 124 2.26 23.00 35.24
N ARG B 125 1.17 23.44 35.86
CA ARG B 125 0.46 22.61 36.83
C ARG B 125 0.04 21.25 36.24
N LEU B 126 -0.46 21.29 35.00
CA LEU B 126 -1.04 20.13 34.33
C LEU B 126 0.11 19.16 34.02
N ALA B 127 1.18 19.70 33.45
CA ALA B 127 2.39 18.93 33.16
C ALA B 127 2.96 18.28 34.41
N ASN B 128 3.09 19.11 35.45
CA ASN B 128 3.67 18.69 36.69
C ASN B 128 2.88 17.55 37.30
N ASP B 129 1.54 17.67 37.27
CA ASP B 129 0.68 16.67 37.86
C ASP B 129 0.69 15.36 37.10
N ALA B 130 0.83 15.48 35.76
CA ALA B 130 0.91 14.35 34.88
C ALA B 130 2.25 13.58 35.06
N MET B 131 3.38 14.29 35.05
CA MET B 131 4.69 13.68 35.37
C MET B 131 4.67 12.89 36.69
N ASP B 132 4.18 13.57 37.74
CA ASP B 132 4.04 12.98 39.06
C ASP B 132 3.27 11.65 38.97
N ALA B 133 2.15 11.65 38.24
CA ALA B 133 1.32 10.46 38.23
C ALA B 133 2.06 9.38 37.47
N ALA B 134 2.85 9.78 36.46
CA ALA B 134 3.57 8.81 35.64
C ALA B 134 4.71 8.22 36.44
N ALA B 135 5.39 8.99 37.26
CA ALA B 135 6.46 8.44 38.04
C ALA B 135 5.91 7.47 39.06
N GLN B 136 5.16 8.03 39.99
CA GLN B 136 4.52 7.29 41.05
C GLN B 136 4.02 5.91 40.57
N SER B 137 3.40 5.90 39.40
CA SER B 137 2.82 4.69 38.84
C SER B 137 3.91 3.87 38.19
N ALA B 138 5.09 4.47 38.08
CA ALA B 138 6.29 3.75 37.65
C ALA B 138 6.91 3.10 38.85
N ALA B 139 6.22 3.21 39.98
CA ALA B 139 6.74 2.79 41.25
C ALA B 139 8.20 3.22 41.40
N ILE C 3 -16.13 -6.69 7.29
CA ILE C 3 -17.05 -7.65 6.74
C ILE C 3 -18.52 -7.10 6.71
N GLU C 4 -19.00 -6.79 5.53
CA GLU C 4 -20.36 -6.35 5.38
C GLU C 4 -21.18 -7.54 4.87
N GLU C 5 -22.42 -7.64 5.34
CA GLU C 5 -23.31 -8.73 4.95
C GLU C 5 -23.63 -8.66 3.45
N GLY C 6 -24.33 -9.70 3.04
CA GLY C 6 -24.83 -9.84 1.71
C GLY C 6 -23.70 -9.62 0.79
N LYS C 7 -22.53 -9.45 1.36
CA LYS C 7 -21.38 -9.31 0.53
C LYS C 7 -20.15 -10.13 0.84
N LEU C 8 -19.47 -10.60 -0.14
CA LEU C 8 -18.25 -11.38 -0.01
C LEU C 8 -16.94 -10.72 -0.45
N VAL C 9 -16.00 -10.44 0.45
CA VAL C 9 -14.67 -9.84 0.13
C VAL C 9 -13.69 -11.00 0.21
N ILE C 10 -12.86 -11.06 -0.84
CA ILE C 10 -11.86 -12.11 -1.05
C ILE C 10 -10.42 -11.48 -1.15
N TRP C 11 -9.47 -12.08 -0.44
CA TRP C 11 -8.04 -11.69 -0.55
C TRP C 11 -7.32 -12.82 -1.21
N ILE C 12 -6.54 -12.52 -2.24
CA ILE C 12 -5.69 -13.51 -2.85
C ILE C 12 -4.37 -12.85 -3.26
N ASN C 13 -3.28 -13.62 -3.28
CA ASN C 13 -1.99 -12.98 -3.60
C ASN C 13 -1.92 -12.40 -5.04
N GLY C 14 -1.15 -11.30 -5.19
CA GLY C 14 -1.03 -10.61 -6.44
C GLY C 14 -0.32 -11.34 -7.53
N ASP C 15 0.27 -12.50 -7.23
CA ASP C 15 0.89 -13.33 -8.32
C ASP C 15 -0.10 -14.33 -8.95
N LYS C 16 -1.28 -14.41 -8.34
CA LYS C 16 -2.38 -15.31 -8.74
C LYS C 16 -3.39 -14.63 -9.71
N GLY C 17 -4.24 -15.45 -10.35
CA GLY C 17 -5.22 -14.94 -11.28
C GLY C 17 -6.42 -14.23 -10.63
N TYR C 18 -6.18 -13.07 -10.03
CA TYR C 18 -7.26 -12.37 -9.32
C TYR C 18 -8.31 -11.80 -10.32
N ASN C 19 -7.89 -11.46 -11.54
CA ASN C 19 -8.82 -10.94 -12.51
C ASN C 19 -9.79 -12.03 -12.98
N GLY C 20 -9.27 -13.23 -13.23
CA GLY C 20 -10.05 -14.47 -13.46
C GLY C 20 -10.89 -14.87 -12.24
N LEU C 21 -10.34 -14.85 -11.04
CA LEU C 21 -11.19 -14.98 -9.84
C LEU C 21 -12.33 -13.97 -9.74
N ALA C 22 -12.07 -12.72 -10.13
CA ALA C 22 -13.10 -11.69 -10.15
C ALA C 22 -14.21 -11.99 -11.17
N GLU C 23 -13.91 -12.70 -12.26
CA GLU C 23 -14.93 -13.06 -13.30
C GLU C 23 -15.92 -14.10 -12.71
N VAL C 24 -15.40 -15.01 -11.90
CA VAL C 24 -16.25 -16.00 -11.21
C VAL C 24 -17.13 -15.22 -10.23
N GLY C 25 -16.52 -14.22 -9.61
CA GLY C 25 -17.20 -13.28 -8.75
C GLY C 25 -18.34 -12.48 -9.40
N LYS C 26 -18.17 -12.07 -10.66
CA LYS C 26 -19.26 -11.46 -11.42
C LYS C 26 -20.37 -12.43 -11.79
N LYS C 27 -19.95 -13.64 -12.11
CA LYS C 27 -20.88 -14.76 -12.35
C LYS C 27 -21.77 -15.08 -11.10
N PHE C 28 -21.15 -15.15 -9.94
CA PHE C 28 -21.89 -15.35 -8.70
C PHE C 28 -22.90 -14.23 -8.55
N GLU C 29 -22.46 -13.00 -8.77
CA GLU C 29 -23.37 -11.82 -8.65
C GLU C 29 -24.54 -11.76 -9.67
N LYS C 30 -24.26 -12.02 -10.93
CA LYS C 30 -25.27 -12.14 -11.94
C LYS C 30 -26.34 -13.12 -11.53
N ASP C 31 -25.95 -14.26 -10.98
CA ASP C 31 -26.82 -15.36 -10.60
C ASP C 31 -27.58 -15.24 -9.27
N THR C 32 -26.99 -14.60 -8.29
CA THR C 32 -27.48 -14.58 -6.93
C THR C 32 -27.79 -13.18 -6.39
N GLY C 33 -27.15 -12.20 -6.97
CA GLY C 33 -27.34 -10.80 -6.61
C GLY C 33 -26.36 -10.37 -5.55
N ILE C 34 -25.50 -11.28 -5.09
CA ILE C 34 -24.53 -10.95 -4.06
C ILE C 34 -23.24 -10.42 -4.66
N LYS C 35 -22.78 -9.28 -4.15
CA LYS C 35 -21.55 -8.67 -4.63
C LYS C 35 -20.33 -9.44 -4.16
N VAL C 36 -19.34 -9.58 -5.03
CA VAL C 36 -18.12 -10.31 -4.70
C VAL C 36 -16.88 -9.50 -5.07
N THR C 37 -16.24 -8.91 -4.05
CA THR C 37 -15.01 -8.11 -4.27
C THR C 37 -13.68 -8.89 -4.03
N VAL C 38 -12.82 -8.93 -5.07
CA VAL C 38 -11.49 -9.57 -4.99
C VAL C 38 -10.39 -8.52 -4.77
N GLU C 39 -9.64 -8.60 -3.68
CA GLU C 39 -8.52 -7.65 -3.45
C GLU C 39 -7.27 -8.48 -3.33
N HIS C 40 -6.13 -7.90 -3.73
CA HIS C 40 -4.83 -8.55 -3.61
C HIS C 40 -3.85 -7.67 -2.81
N PRO C 41 -4.10 -7.50 -1.50
CA PRO C 41 -3.21 -6.61 -0.71
C PRO C 41 -1.77 -7.16 -0.55
N ASP C 42 -0.78 -6.26 -0.41
CA ASP C 42 0.59 -6.73 -0.07
C ASP C 42 0.56 -7.35 1.30
N LYS C 43 1.42 -8.35 1.50
CA LYS C 43 1.64 -9.03 2.77
C LYS C 43 0.33 -9.54 3.39
N LEU C 44 -0.60 -10.02 2.56
CA LEU C 44 -2.00 -10.28 3.07
C LEU C 44 -2.03 -11.41 4.15
N GLU C 45 -1.08 -12.34 4.00
CA GLU C 45 -0.87 -13.48 4.88
C GLU C 45 -0.37 -13.06 6.24
N GLU C 46 0.19 -11.85 6.30
CA GLU C 46 0.59 -11.18 7.54
C GLU C 46 -0.53 -10.25 8.09
N LYS C 47 -1.18 -9.51 7.22
CA LYS C 47 -2.40 -8.74 7.58
C LYS C 47 -3.54 -9.60 8.13
N PHE C 48 -3.77 -10.77 7.53
CA PHE C 48 -4.98 -11.52 7.89
C PHE C 48 -5.01 -11.78 9.37
N PRO C 49 -3.93 -12.36 9.93
CA PRO C 49 -4.13 -12.66 11.33
C PRO C 49 -4.29 -11.40 12.21
N GLN C 50 -3.63 -10.32 11.82
CA GLN C 50 -3.77 -9.02 12.47
C GLN C 50 -5.23 -8.57 12.46
N VAL C 51 -5.77 -8.36 11.27
CA VAL C 51 -7.14 -7.84 11.14
C VAL C 51 -8.28 -8.80 11.58
N ALA C 52 -8.07 -10.11 11.43
CA ALA C 52 -9.13 -11.10 11.72
C ALA C 52 -9.30 -11.35 13.21
N ALA C 53 -8.21 -11.15 13.96
CA ALA C 53 -8.18 -11.21 15.44
C ALA C 53 -8.90 -10.05 16.13
N THR C 54 -9.25 -9.03 15.35
CA THR C 54 -10.05 -7.90 15.85
C THR C 54 -11.42 -8.04 15.18
N GLY C 55 -11.69 -9.21 14.62
CA GLY C 55 -12.91 -9.44 13.87
C GLY C 55 -12.95 -8.68 12.56
N ASP C 56 -11.81 -8.55 11.90
CA ASP C 56 -11.73 -7.85 10.62
C ASP C 56 -11.07 -8.74 9.57
N GLY C 57 -11.03 -8.27 8.33
CA GLY C 57 -10.42 -9.03 7.29
C GLY C 57 -11.52 -9.39 6.35
N PRO C 58 -11.16 -10.13 5.35
CA PRO C 58 -12.09 -10.47 4.28
C PRO C 58 -12.91 -11.67 4.70
N ASP C 59 -13.90 -11.99 3.88
CA ASP C 59 -14.72 -13.18 4.11
C ASP C 59 -13.93 -14.46 3.86
N ILE C 60 -13.13 -14.40 2.80
CA ILE C 60 -12.36 -15.53 2.25
C ILE C 60 -10.92 -15.10 2.01
N ILE C 61 -10.00 -16.02 2.32
CA ILE C 61 -8.57 -15.75 2.17
C ILE C 61 -7.94 -16.92 1.42
N PHE C 62 -7.23 -16.59 0.36
CA PHE C 62 -6.47 -17.54 -0.39
C PHE C 62 -4.95 -17.44 -0.06
N TRP C 63 -4.39 -18.58 0.28
CA TRP C 63 -2.95 -18.73 0.41
C TRP C 63 -2.66 -20.22 0.33
N ALA C 64 -1.40 -20.58 0.05
CA ALA C 64 -0.97 -21.96 0.22
C ALA C 64 -1.31 -22.38 1.67
N HIS C 65 -1.62 -23.67 1.79
CA HIS C 65 -2.12 -24.27 3.04
C HIS C 65 -1.15 -24.16 4.21
N ASP C 66 0.17 -23.92 3.99
CA ASP C 66 1.14 -23.87 5.13
C ASP C 66 0.74 -22.80 6.18
N ARG C 67 0.14 -21.70 5.75
CA ARG C 67 -0.25 -20.63 6.64
C ARG C 67 -1.45 -20.94 7.53
N PHE C 68 -2.24 -21.91 7.15
CA PHE C 68 -3.61 -22.07 7.71
C PHE C 68 -3.73 -22.74 9.11
N GLY C 69 -2.81 -23.63 9.46
CA GLY C 69 -2.69 -24.16 10.84
C GLY C 69 -2.56 -23.09 11.93
N GLY C 70 -1.75 -22.09 11.67
CA GLY C 70 -1.54 -20.94 12.52
C GLY C 70 -2.80 -20.10 12.62
N TYR C 71 -3.44 -19.77 11.49
CA TYR C 71 -4.77 -19.16 11.53
C TYR C 71 -5.83 -19.92 12.35
N ALA C 72 -5.98 -21.23 12.11
CA ALA C 72 -6.90 -22.08 12.85
C ALA C 72 -6.62 -22.18 14.36
N GLN C 73 -5.33 -22.24 14.70
CA GLN C 73 -4.88 -22.29 16.10
C GLN C 73 -5.42 -21.06 16.82
N SER C 74 -5.26 -19.89 16.20
CA SER C 74 -5.75 -18.63 16.76
C SER C 74 -7.27 -18.47 16.55
N GLY C 75 -7.96 -19.50 16.09
CA GLY C 75 -9.43 -19.46 15.91
C GLY C 75 -9.91 -18.43 14.90
N LEU C 76 -9.13 -18.21 13.84
CA LEU C 76 -9.50 -17.23 12.79
C LEU C 76 -10.26 -17.87 11.63
N LEU C 77 -10.30 -19.21 11.55
CA LEU C 77 -10.92 -19.87 10.40
C LEU C 77 -12.17 -20.63 10.82
N ALA C 78 -13.24 -20.53 10.02
CA ALA C 78 -14.42 -21.40 10.21
C ALA C 78 -14.16 -22.84 9.72
N GLU C 79 -14.56 -23.83 10.52
CA GLU C 79 -14.56 -25.19 10.04
C GLU C 79 -15.48 -25.25 8.81
N ILE C 80 -15.03 -25.86 7.73
CA ILE C 80 -15.82 -25.89 6.50
C ILE C 80 -16.70 -27.15 6.46
N THR C 81 -17.85 -27.05 5.87
CA THR C 81 -18.68 -28.23 5.82
C THR C 81 -19.01 -28.58 4.36
N PRO C 82 -18.15 -29.40 3.77
CA PRO C 82 -18.45 -30.05 2.50
C PRO C 82 -19.23 -31.34 2.71
N ASP C 83 -20.28 -31.51 1.91
CA ASP C 83 -21.17 -32.59 2.04
C ASP C 83 -20.44 -33.85 1.52
N LYS C 84 -21.04 -35.01 1.73
CA LYS C 84 -20.45 -36.27 1.30
C LYS C 84 -20.56 -36.44 -0.21
N ALA C 85 -20.82 -35.34 -0.91
CA ALA C 85 -20.95 -35.37 -2.37
C ALA C 85 -20.01 -34.35 -3.02
N PHE C 86 -19.47 -33.45 -2.21
CA PHE C 86 -18.55 -32.43 -2.71
C PHE C 86 -17.10 -32.81 -2.44
N GLN C 87 -16.93 -33.52 -1.33
CA GLN C 87 -15.64 -33.99 -0.86
C GLN C 87 -15.11 -35.02 -1.82
N ASP C 88 -15.97 -35.85 -2.42
CA ASP C 88 -15.51 -36.81 -3.43
C ASP C 88 -14.89 -36.22 -4.73
N LYS C 89 -15.25 -34.98 -5.05
CA LYS C 89 -14.89 -34.27 -6.27
C LYS C 89 -13.46 -33.69 -6.28
N LEU C 90 -12.81 -33.78 -5.17
CA LEU C 90 -11.47 -33.26 -5.00
C LEU C 90 -10.57 -34.44 -4.60
N TYR C 91 -9.31 -34.41 -4.99
CA TYR C 91 -8.34 -35.44 -4.52
C TYR C 91 -8.15 -35.48 -2.99
N PRO C 92 -8.24 -36.69 -2.39
CA PRO C 92 -8.08 -36.90 -0.95
C PRO C 92 -6.89 -36.17 -0.36
N PHE C 93 -5.77 -36.20 -1.07
CA PHE C 93 -4.53 -35.70 -0.52
C PHE C 93 -4.56 -34.19 -0.42
N THR C 94 -5.50 -33.56 -1.15
CA THR C 94 -5.62 -32.11 -1.14
C THR C 94 -6.49 -31.73 0.09
N TRP C 95 -7.55 -32.52 0.37
CA TRP C 95 -8.17 -32.54 1.73
C TRP C 95 -7.16 -32.70 2.87
N ASP C 96 -6.17 -33.60 2.73
CA ASP C 96 -5.25 -33.79 3.84
C ASP C 96 -4.51 -32.48 4.12
N ALA C 97 -4.18 -31.74 3.07
CA ALA C 97 -3.36 -30.52 3.22
C ALA C 97 -4.01 -29.46 4.13
N VAL C 98 -5.34 -29.46 4.17
CA VAL C 98 -6.16 -28.43 4.86
C VAL C 98 -6.88 -29.01 6.12
N ARG C 99 -6.37 -30.13 6.61
CA ARG C 99 -6.87 -30.70 7.87
C ARG C 99 -6.03 -30.13 9.00
N TYR C 100 -6.66 -29.52 9.99
CA TYR C 100 -5.93 -29.09 11.20
C TYR C 100 -6.60 -29.62 12.47
N ASN C 101 -5.88 -30.41 13.25
CA ASN C 101 -6.50 -31.14 14.36
C ASN C 101 -7.73 -31.93 13.99
N GLY C 102 -7.73 -32.52 12.81
CA GLY C 102 -8.81 -33.35 12.32
C GLY C 102 -9.99 -32.64 11.69
N LYS C 103 -9.99 -31.31 11.73
CA LYS C 103 -11.02 -30.49 11.08
C LYS C 103 -10.56 -30.01 9.73
N LEU C 104 -11.44 -30.03 8.74
CA LEU C 104 -11.16 -29.28 7.47
C LEU C 104 -11.32 -27.78 7.67
N ILE C 105 -10.26 -27.05 7.53
CA ILE C 105 -10.31 -25.64 7.76
C ILE C 105 -10.15 -24.82 6.46
N ALA C 106 -10.35 -25.46 5.32
CA ALA C 106 -10.38 -24.77 4.02
C ALA C 106 -10.67 -25.64 2.79
N TYR C 107 -11.00 -24.99 1.70
CA TYR C 107 -11.11 -25.67 0.46
C TYR C 107 -9.72 -25.69 -0.17
N PRO C 108 -9.32 -26.84 -0.72
CA PRO C 108 -8.13 -26.89 -1.54
C PRO C 108 -8.18 -26.77 -3.05
N ILE C 109 -7.60 -25.70 -3.58
CA ILE C 109 -7.86 -25.28 -4.95
C ILE C 109 -6.95 -25.96 -5.98
N ALA C 110 -5.65 -26.01 -5.68
CA ALA C 110 -4.63 -26.40 -6.65
C ALA C 110 -3.47 -26.95 -5.83
N VAL C 111 -2.57 -27.60 -6.54
CA VAL C 111 -1.30 -28.09 -6.04
C VAL C 111 -0.15 -27.44 -6.81
N GLU C 112 0.74 -26.81 -6.06
CA GLU C 112 1.80 -26.02 -6.64
C GLU C 112 3.15 -26.64 -6.41
N ALA C 113 3.97 -26.78 -7.46
CA ALA C 113 5.39 -27.00 -7.23
C ALA C 113 6.26 -26.14 -8.17
N LEU C 114 7.44 -25.75 -7.66
CA LEU C 114 8.46 -25.10 -8.50
C LEU C 114 8.96 -26.08 -9.53
N SER C 115 9.20 -25.57 -10.73
CA SER C 115 9.85 -26.36 -11.77
C SER C 115 11.00 -25.51 -12.31
N LEU C 116 11.90 -26.12 -13.07
CA LEU C 116 12.87 -25.36 -13.83
C LEU C 116 12.24 -24.88 -15.15
N ILE C 117 12.53 -23.64 -15.53
CA ILE C 117 12.01 -23.12 -16.78
C ILE C 117 13.17 -22.64 -17.63
N TYR C 118 13.24 -23.10 -18.86
CA TYR C 118 14.36 -22.71 -19.70
C TYR C 118 13.95 -22.13 -21.07
N ASN C 119 14.86 -21.34 -21.66
CA ASN C 119 14.64 -20.76 -22.98
C ASN C 119 15.17 -21.76 -24.01
N LYS C 120 14.26 -22.24 -24.86
CA LYS C 120 14.63 -23.19 -25.89
C LYS C 120 15.47 -22.51 -26.97
N ASP C 121 15.33 -21.19 -27.07
CA ASP C 121 16.07 -20.41 -28.04
C ASP C 121 17.53 -20.23 -27.61
N LEU C 122 17.82 -20.58 -26.36
CA LEU C 122 19.15 -20.45 -25.84
C LEU C 122 19.82 -21.75 -25.41
N LEU C 123 19.04 -22.76 -25.10
CA LEU C 123 19.55 -24.09 -24.68
C LEU C 123 18.88 -25.26 -25.41
N PRO C 124 19.68 -26.20 -25.96
CA PRO C 124 19.09 -27.39 -26.57
C PRO C 124 18.25 -28.12 -25.52
N ASN C 125 18.86 -28.23 -24.42
CA ASN C 125 18.23 -28.86 -23.30
C ASN C 125 18.76 -28.18 -22.01
N PRO C 126 17.97 -28.35 -20.86
CA PRO C 126 18.38 -27.74 -19.58
C PRO C 126 19.39 -28.70 -18.89
N PRO C 127 20.32 -28.15 -18.09
CA PRO C 127 21.17 -28.99 -17.28
C PRO C 127 20.40 -29.99 -16.38
N LYS C 128 20.86 -31.22 -16.33
CA LYS C 128 20.40 -32.20 -15.37
C LYS C 128 20.86 -31.86 -13.95
N THR C 129 21.97 -31.14 -13.82
CA THR C 129 22.58 -30.98 -12.50
C THR C 129 22.80 -29.47 -12.17
N TRP C 130 22.79 -29.14 -10.88
CA TRP C 130 23.16 -27.82 -10.40
C TRP C 130 24.64 -27.59 -10.69
N GLU C 131 25.41 -28.67 -10.66
CA GLU C 131 26.87 -28.60 -10.71
C GLU C 131 27.35 -28.15 -12.10
N GLU C 132 26.51 -28.27 -13.11
CA GLU C 132 26.90 -27.82 -14.42
C GLU C 132 26.49 -26.38 -14.78
N ILE C 133 25.84 -25.69 -13.85
CA ILE C 133 25.43 -24.29 -14.03
C ILE C 133 26.60 -23.26 -14.08
N PRO C 134 27.58 -23.40 -13.18
CA PRO C 134 28.69 -22.48 -13.28
C PRO C 134 29.33 -22.45 -14.72
N ALA C 135 29.59 -23.61 -15.29
CA ALA C 135 30.14 -23.70 -16.65
C ALA C 135 29.17 -23.25 -17.73
N LEU C 136 27.87 -23.55 -17.61
CA LEU C 136 26.89 -22.98 -18.54
C LEU C 136 26.84 -21.45 -18.48
N ASP C 137 26.97 -20.87 -17.31
CA ASP C 137 26.98 -19.42 -17.16
C ASP C 137 28.15 -18.71 -17.84
N LYS C 138 29.33 -19.32 -17.73
CA LYS C 138 30.53 -18.79 -18.36
C LYS C 138 30.32 -18.67 -19.85
N GLU C 139 29.85 -19.76 -20.47
CA GLU C 139 29.53 -19.71 -21.90
C GLU C 139 28.55 -18.58 -22.15
N LEU C 140 27.43 -18.58 -21.47
CA LEU C 140 26.42 -17.58 -21.73
C LEU C 140 26.83 -16.14 -21.54
N LYS C 141 27.62 -15.91 -20.53
CA LYS C 141 28.25 -14.67 -20.29
C LYS C 141 29.10 -14.06 -21.40
N ALA C 142 29.83 -14.88 -22.11
CA ALA C 142 30.62 -14.42 -23.20
C ALA C 142 29.76 -13.95 -24.33
N LYS C 143 28.49 -14.29 -24.30
CA LYS C 143 27.54 -13.83 -25.28
C LYS C 143 26.55 -12.82 -24.77
N GLY C 144 26.81 -12.20 -23.64
CA GLY C 144 25.91 -11.22 -23.14
C GLY C 144 24.78 -11.66 -22.24
N LYS C 145 24.73 -12.94 -21.89
CA LYS C 145 23.63 -13.53 -21.09
C LYS C 145 24.09 -14.23 -19.80
N SER C 146 23.16 -14.74 -19.02
CA SER C 146 23.45 -15.55 -17.84
C SER C 146 22.72 -16.91 -17.98
N ALA C 147 23.10 -17.88 -17.16
CA ALA C 147 22.45 -19.18 -17.15
C ALA C 147 21.12 -19.21 -16.41
N LEU C 148 21.12 -18.62 -15.22
CA LEU C 148 19.98 -18.75 -14.24
C LEU C 148 19.72 -17.54 -13.37
N MET C 149 18.44 -17.14 -13.29
CA MET C 149 18.04 -16.10 -12.37
C MET C 149 16.70 -16.50 -11.75
N PHE C 150 16.61 -16.34 -10.44
CA PHE C 150 15.34 -16.60 -9.77
C PHE C 150 15.40 -15.90 -8.41
N ASN C 151 14.27 -15.86 -7.74
CA ASN C 151 14.15 -15.17 -6.49
C ASN C 151 15.00 -15.67 -5.36
N LEU C 152 15.97 -14.88 -4.99
CA LEU C 152 16.84 -15.24 -3.93
C LEU C 152 16.36 -14.68 -2.61
N GLN C 153 15.27 -13.93 -2.59
CA GLN C 153 14.87 -13.23 -1.33
C GLN C 153 13.89 -14.11 -0.53
N GLU C 154 13.23 -15.03 -1.24
CA GLU C 154 12.19 -15.82 -0.64
C GLU C 154 12.67 -17.24 -0.53
N PRO C 155 12.72 -17.81 0.69
CA PRO C 155 13.28 -19.18 0.87
C PRO C 155 12.55 -20.33 0.11
N TYR C 156 11.31 -20.09 -0.30
CA TYR C 156 10.51 -21.04 -1.07
C TYR C 156 11.28 -21.45 -2.35
N PHE C 157 12.12 -20.56 -2.82
CA PHE C 157 12.78 -20.79 -4.15
C PHE C 157 14.16 -21.43 -3.99
N THR C 158 14.81 -21.17 -2.84
CA THR C 158 16.09 -21.81 -2.49
C THR C 158 15.95 -23.13 -1.72
N TRP C 159 14.80 -23.35 -1.09
CA TRP C 159 14.55 -24.57 -0.31
C TRP C 159 14.75 -25.88 -1.09
N PRO C 160 14.32 -25.92 -2.37
CA PRO C 160 14.54 -27.15 -3.15
C PRO C 160 16.01 -27.58 -3.23
N LEU C 161 16.91 -26.59 -3.37
CA LEU C 161 18.35 -26.85 -3.30
C LEU C 161 18.85 -27.26 -1.85
N ILE C 162 18.31 -26.61 -0.80
CA ILE C 162 18.76 -26.82 0.56
C ILE C 162 18.36 -28.20 1.03
N ALA C 163 17.16 -28.63 0.64
CA ALA C 163 16.55 -29.92 1.01
C ALA C 163 17.15 -31.12 0.27
N ALA C 164 17.68 -30.86 -0.95
CA ALA C 164 18.20 -31.87 -1.88
C ALA C 164 19.06 -33.00 -1.27
N ASP C 165 20.13 -32.62 -0.61
CA ASP C 165 21.13 -33.54 -0.02
C ASP C 165 20.85 -33.72 1.48
N GLY C 166 19.67 -33.38 1.99
CA GLY C 166 19.34 -33.75 3.36
C GLY C 166 18.67 -32.74 4.28
N GLY C 167 18.57 -31.49 3.86
CA GLY C 167 17.84 -30.48 4.65
C GLY C 167 16.39 -30.90 4.80
N TYR C 168 15.84 -30.54 5.93
CA TYR C 168 14.46 -30.82 6.23
C TYR C 168 14.00 -29.82 7.23
N ALA C 169 12.75 -29.43 7.16
CA ALA C 169 12.24 -28.42 8.05
C ALA C 169 11.72 -28.96 9.39
N PHE C 170 10.73 -29.82 9.37
CA PHE C 170 10.18 -30.37 10.60
C PHE C 170 10.03 -31.84 10.52
N LYS C 171 10.71 -32.51 11.40
CA LYS C 171 10.72 -33.97 11.41
C LYS C 171 9.36 -34.57 11.85
N TYR C 172 8.81 -35.40 10.97
CA TYR C 172 7.56 -36.03 11.21
C TYR C 172 7.81 -37.43 11.82
N GLU C 173 7.21 -37.69 12.96
CA GLU C 173 7.52 -38.88 13.72
C GLU C 173 6.27 -39.21 14.54
N ASN C 174 5.80 -40.45 14.46
CA ASN C 174 4.67 -40.91 15.29
C ASN C 174 3.38 -40.09 15.20
N GLY C 175 3.05 -39.69 13.98
CA GLY C 175 1.81 -39.06 13.64
C GLY C 175 1.80 -37.57 13.91
N LYS C 176 2.86 -36.95 14.07
CA LYS C 176 3.01 -35.54 14.44
C LYS C 176 4.35 -34.96 14.06
N TYR C 177 4.49 -33.80 13.46
CA TYR C 177 5.66 -32.93 13.43
C TYR C 177 6.21 -32.58 14.84
N ASP C 178 7.48 -32.92 15.03
CA ASP C 178 8.29 -32.59 16.21
C ASP C 178 8.93 -31.23 15.98
N ILE C 179 8.38 -30.20 16.61
CA ILE C 179 8.78 -28.78 16.36
C ILE C 179 10.16 -28.44 16.97
N LYS C 180 10.68 -29.38 17.78
CA LYS C 180 12.05 -29.36 18.27
C LYS C 180 13.10 -30.08 17.41
N ASP C 181 12.68 -30.89 16.43
CA ASP C 181 13.57 -31.62 15.51
C ASP C 181 13.47 -30.95 14.16
N VAL C 182 14.35 -29.95 14.00
CA VAL C 182 14.50 -29.08 12.87
C VAL C 182 15.70 -29.45 11.98
N GLY C 183 15.47 -29.43 10.68
CA GLY C 183 16.50 -29.93 9.77
C GLY C 183 17.27 -28.91 8.97
N VAL C 184 17.25 -27.64 9.34
CA VAL C 184 17.86 -26.57 8.57
C VAL C 184 19.41 -26.40 8.76
N ASP C 185 19.98 -27.20 9.67
CA ASP C 185 21.36 -27.05 10.05
C ASP C 185 22.17 -28.36 10.01
N ASN C 186 21.74 -29.34 9.24
CA ASN C 186 22.48 -30.57 9.14
C ASN C 186 23.43 -30.51 7.92
N ALA C 187 24.22 -31.55 7.71
CA ALA C 187 25.13 -31.65 6.55
C ALA C 187 24.46 -31.31 5.23
N GLY C 188 23.23 -31.74 5.01
CA GLY C 188 22.66 -31.63 3.70
C GLY C 188 22.19 -30.19 3.45
N ALA C 189 21.62 -29.57 4.48
CA ALA C 189 21.29 -28.14 4.39
C ALA C 189 22.50 -27.24 4.12
N LYS C 190 23.60 -27.48 4.84
CA LYS C 190 24.86 -26.74 4.69
C LYS C 190 25.44 -26.94 3.30
N ALA C 191 25.33 -28.16 2.77
CA ALA C 191 25.86 -28.45 1.45
C ALA C 191 25.11 -27.61 0.39
N GLY C 192 23.77 -27.62 0.41
CA GLY C 192 22.95 -26.93 -0.60
C GLY C 192 23.11 -25.42 -0.47
N LEU C 193 23.01 -24.85 0.73
CA LEU C 193 23.31 -23.42 0.91
C LEU C 193 24.72 -22.97 0.46
N THR C 194 25.72 -23.78 0.82
CA THR C 194 27.10 -23.54 0.37
C THR C 194 27.18 -23.50 -1.18
N PHE C 195 26.49 -24.40 -1.87
CA PHE C 195 26.45 -24.37 -3.33
C PHE C 195 25.92 -23.04 -3.86
N LEU C 196 24.77 -22.60 -3.35
CA LEU C 196 24.15 -21.33 -3.70
C LEU C 196 25.09 -20.14 -3.46
N VAL C 197 25.66 -20.07 -2.25
CA VAL C 197 26.61 -18.99 -1.89
C VAL C 197 27.82 -19.03 -2.85
N ASP C 198 28.27 -20.21 -3.21
CA ASP C 198 29.34 -20.39 -4.16
C ASP C 198 29.04 -19.82 -5.55
N LEU C 199 27.88 -20.09 -6.07
CA LEU C 199 27.35 -19.44 -7.24
C LEU C 199 27.38 -17.89 -7.17
N ILE C 200 27.02 -17.35 -6.03
CA ILE C 200 27.03 -15.92 -5.77
C ILE C 200 28.45 -15.41 -5.72
N LYS C 201 29.28 -16.01 -4.88
CA LYS C 201 30.73 -15.72 -4.85
C LYS C 201 31.42 -15.76 -6.25
N ASN C 202 31.09 -16.78 -7.06
CA ASN C 202 31.65 -16.89 -8.40
C ASN C 202 30.95 -16.10 -9.51
N LYS C 203 29.99 -15.29 -9.08
CA LYS C 203 29.34 -14.27 -9.89
C LYS C 203 28.42 -14.84 -10.92
N HIS C 204 27.92 -16.07 -10.66
CA HIS C 204 26.94 -16.71 -11.48
C HIS C 204 25.55 -16.30 -11.12
N MET C 205 25.35 -15.86 -9.87
CA MET C 205 24.10 -15.21 -9.40
C MET C 205 24.38 -13.99 -8.57
N ASN C 206 23.34 -13.18 -8.45
CA ASN C 206 23.43 -11.91 -7.71
C ASN C 206 22.60 -11.97 -6.42
N ALA C 207 23.18 -11.70 -5.24
CA ALA C 207 22.41 -11.67 -3.96
C ALA C 207 21.09 -10.93 -3.95
N ASP C 208 20.99 -9.90 -4.81
CA ASP C 208 19.86 -8.93 -4.79
C ASP C 208 18.68 -9.35 -5.69
N THR C 209 18.84 -10.46 -6.47
CA THR C 209 17.83 -10.91 -7.45
C THR C 209 16.58 -11.29 -6.67
N ASP C 210 15.46 -10.80 -7.16
CA ASP C 210 14.20 -11.10 -6.54
C ASP C 210 13.20 -11.55 -7.63
N TYR C 211 11.93 -11.58 -7.28
CA TYR C 211 10.94 -12.13 -8.13
C TYR C 211 10.86 -11.37 -9.46
N SER C 212 10.57 -10.06 -9.35
CA SER C 212 10.34 -9.23 -10.52
C SER C 212 11.61 -9.07 -11.34
N ILE C 213 12.78 -8.91 -10.69
CA ILE C 213 14.08 -8.91 -11.39
C ILE C 213 14.28 -10.20 -12.23
N ALA C 214 14.03 -11.38 -11.62
CA ALA C 214 14.29 -12.60 -12.28
C ALA C 214 13.27 -12.81 -13.41
N GLU C 215 12.04 -12.36 -13.17
CA GLU C 215 10.94 -12.60 -14.13
C GLU C 215 11.18 -11.80 -15.40
N ALA C 216 11.55 -10.52 -15.23
CA ALA C 216 11.82 -9.68 -16.40
C ALA C 216 13.01 -10.21 -17.22
N ALA C 217 14.04 -10.67 -16.53
CA ALA C 217 15.28 -11.11 -17.21
C ALA C 217 15.01 -12.37 -18.06
N PHE C 218 14.37 -13.36 -17.46
CA PHE C 218 13.96 -14.55 -18.20
C PHE C 218 12.98 -14.20 -19.29
N ASN C 219 11.93 -13.42 -18.99
CA ASN C 219 10.93 -13.06 -20.05
C ASN C 219 11.42 -12.21 -21.20
N LYS C 220 12.52 -11.48 -20.97
CA LYS C 220 13.11 -10.62 -22.01
C LYS C 220 14.22 -11.38 -22.72
N GLY C 221 14.54 -12.59 -22.23
CA GLY C 221 15.48 -13.40 -22.95
C GLY C 221 16.91 -13.08 -22.63
N GLU C 222 17.15 -12.59 -21.42
CA GLU C 222 18.50 -12.23 -20.94
C GLU C 222 19.16 -13.36 -20.18
N THR C 223 18.32 -14.24 -19.61
CA THR C 223 18.79 -15.38 -18.83
C THR C 223 18.15 -16.66 -19.42
N ALA C 224 18.92 -17.74 -19.48
CA ALA C 224 18.48 -18.98 -20.12
C ALA C 224 17.46 -19.79 -19.29
N MET C 225 17.46 -19.54 -17.98
CA MET C 225 16.65 -20.34 -17.07
C MET C 225 16.08 -19.52 -15.98
N THR C 226 14.95 -19.99 -15.47
CA THR C 226 14.46 -19.46 -14.21
C THR C 226 13.82 -20.57 -13.33
N ILE C 227 13.50 -20.27 -12.05
CA ILE C 227 12.77 -21.21 -11.18
C ILE C 227 11.50 -20.53 -10.76
N ASN C 228 10.39 -21.19 -11.07
CA ASN C 228 9.13 -20.54 -10.83
C ASN C 228 8.03 -21.57 -10.89
N GLY C 229 6.80 -21.16 -10.62
CA GLY C 229 5.66 -22.08 -10.53
C GLY C 229 4.65 -21.72 -11.55
N PRO C 230 3.56 -22.53 -11.63
CA PRO C 230 2.53 -22.35 -12.66
C PRO C 230 2.05 -20.91 -12.87
N TRP C 231 1.83 -20.16 -11.80
CA TRP C 231 1.24 -18.82 -11.93
C TRP C 231 2.04 -17.98 -12.97
N ALA C 232 3.32 -18.27 -13.15
CA ALA C 232 4.22 -17.47 -13.95
C ALA C 232 4.17 -17.74 -15.46
N TRP C 233 3.60 -18.88 -15.88
CA TRP C 233 3.60 -19.27 -17.28
C TRP C 233 2.90 -18.26 -18.17
N SER C 234 1.81 -17.66 -17.68
CA SER C 234 1.08 -16.60 -18.42
C SER C 234 1.96 -15.57 -19.01
N ASN C 235 2.73 -14.91 -18.15
CA ASN C 235 3.59 -13.77 -18.61
C ASN C 235 4.66 -14.24 -19.63
N ILE C 236 5.12 -15.48 -19.49
CA ILE C 236 6.04 -16.10 -20.46
C ILE C 236 5.37 -16.43 -21.77
N ASP C 237 4.15 -17.02 -21.77
CA ASP C 237 3.35 -17.05 -23.00
C ASP C 237 3.25 -15.68 -23.70
N THR C 238 3.02 -14.63 -22.94
CA THR C 238 2.78 -13.33 -23.53
C THR C 238 4.13 -12.83 -24.14
N SER C 239 5.24 -13.26 -23.56
CA SER C 239 6.56 -12.73 -23.90
C SER C 239 7.28 -13.21 -25.16
N LYS C 240 6.83 -14.18 -25.93
CA LYS C 240 7.79 -14.45 -27.09
C LYS C 240 9.16 -15.11 -26.76
N VAL C 241 9.29 -15.57 -25.53
CA VAL C 241 10.21 -16.68 -25.23
C VAL C 241 9.46 -18.01 -25.43
N ASN C 242 10.14 -18.95 -26.10
CA ASN C 242 9.70 -20.34 -26.17
C ASN C 242 10.37 -21.11 -25.07
N TYR C 243 9.58 -21.72 -24.16
CA TYR C 243 10.11 -22.22 -22.90
C TYR C 243 9.72 -23.68 -22.67
N GLY C 244 10.50 -24.39 -21.87
CA GLY C 244 10.19 -25.74 -21.41
C GLY C 244 10.15 -25.71 -19.91
N VAL C 245 9.24 -26.47 -19.33
CA VAL C 245 9.06 -26.52 -17.92
C VAL C 245 9.48 -27.97 -17.53
N THR C 246 10.52 -28.12 -16.68
CA THR C 246 11.16 -29.38 -16.54
C THR C 246 11.37 -29.74 -15.07
N VAL C 247 11.78 -31.00 -14.83
CA VAL C 247 12.39 -31.40 -13.57
C VAL C 247 13.58 -30.49 -13.19
N LEU C 248 13.58 -30.12 -11.93
CA LEU C 248 14.63 -29.25 -11.44
C LEU C 248 15.96 -29.99 -11.50
N PRO C 249 17.06 -29.23 -11.51
CA PRO C 249 18.39 -29.84 -11.50
C PRO C 249 18.68 -30.70 -10.25
N THR C 250 19.54 -31.72 -10.39
CA THR C 250 19.86 -32.52 -9.22
C THR C 250 21.02 -31.87 -8.50
N PHE C 251 21.20 -32.19 -7.23
CA PHE C 251 22.33 -31.69 -6.46
C PHE C 251 22.95 -32.88 -5.81
N LYS C 252 24.27 -33.05 -6.02
CA LYS C 252 25.01 -34.26 -5.65
C LYS C 252 24.24 -35.53 -6.06
N GLY C 253 23.70 -35.52 -7.29
CA GLY C 253 23.04 -36.74 -7.82
C GLY C 253 21.60 -36.98 -7.33
N GLN C 254 21.11 -36.14 -6.39
CA GLN C 254 19.82 -36.29 -5.77
C GLN C 254 18.81 -35.18 -6.22
N PRO C 255 17.53 -35.55 -6.30
CA PRO C 255 16.55 -34.63 -6.83
C PRO C 255 16.52 -33.35 -6.04
N SER C 256 16.29 -32.20 -6.68
CA SER C 256 15.83 -31.06 -5.84
C SER C 256 14.42 -31.37 -5.25
N LYS C 257 14.16 -30.93 -4.01
CA LYS C 257 12.92 -31.17 -3.33
C LYS C 257 12.14 -29.89 -2.99
N PRO C 258 11.28 -29.45 -3.90
CA PRO C 258 10.51 -28.22 -3.70
C PRO C 258 9.21 -28.46 -2.95
N PHE C 259 8.88 -27.58 -2.01
CA PHE C 259 7.65 -27.70 -1.23
C PHE C 259 6.44 -27.62 -2.16
N VAL C 260 5.47 -28.49 -1.94
CA VAL C 260 4.27 -28.54 -2.77
C VAL C 260 3.08 -27.88 -2.08
N GLY C 261 3.02 -26.55 -2.16
CA GLY C 261 1.90 -25.81 -1.57
C GLY C 261 0.60 -26.13 -2.28
N VAL C 262 -0.47 -26.18 -1.52
CA VAL C 262 -1.85 -26.32 -2.05
C VAL C 262 -2.56 -24.96 -1.86
N LEU C 263 -2.78 -24.21 -2.92
CA LEU C 263 -3.54 -23.00 -2.82
C LEU C 263 -4.93 -23.33 -2.30
N SER C 264 -5.34 -22.61 -1.23
CA SER C 264 -6.50 -22.97 -0.43
C SER C 264 -7.27 -21.71 -0.08
N ALA C 265 -8.60 -21.85 0.10
CA ALA C 265 -9.49 -20.77 0.39
C ALA C 265 -10.13 -20.96 1.77
N GLY C 266 -9.91 -20.05 2.68
CA GLY C 266 -10.39 -20.20 4.05
C GLY C 266 -11.48 -19.17 4.21
N ILE C 267 -12.47 -19.55 5.02
CA ILE C 267 -13.54 -18.69 5.45
C ILE C 267 -13.18 -18.14 6.83
N ASN C 268 -13.12 -16.81 6.93
CA ASN C 268 -12.92 -16.06 8.18
C ASN C 268 -13.98 -16.47 9.23
N ALA C 269 -13.57 -16.74 10.48
CA ALA C 269 -14.51 -17.17 11.53
C ALA C 269 -15.48 -16.06 11.88
N ALA C 270 -15.09 -14.82 11.58
CA ALA C 270 -15.94 -13.69 11.96
C ALA C 270 -16.80 -13.24 10.77
N SER C 271 -16.72 -13.94 9.63
CA SER C 271 -17.66 -13.68 8.52
C SER C 271 -19.13 -13.98 8.85
N PRO C 272 -20.04 -13.00 8.62
CA PRO C 272 -21.46 -13.26 8.80
C PRO C 272 -22.04 -13.83 7.45
N ASN C 273 -21.11 -14.18 6.53
CA ASN C 273 -21.45 -14.69 5.23
C ASN C 273 -20.90 -16.10 4.99
N LYS C 274 -20.71 -16.90 6.05
CA LYS C 274 -20.08 -18.23 5.91
C LYS C 274 -20.77 -19.14 4.91
N GLU C 275 -22.10 -19.13 4.91
CA GLU C 275 -22.89 -19.87 3.94
C GLU C 275 -22.74 -19.42 2.44
N LEU C 276 -22.78 -18.10 2.17
CA LEU C 276 -22.57 -17.53 0.81
C LEU C 276 -21.19 -17.88 0.31
N ALA C 277 -20.22 -17.80 1.22
CA ALA C 277 -18.83 -18.22 0.96
C ALA C 277 -18.74 -19.70 0.55
N LYS C 278 -19.40 -20.56 1.32
CA LYS C 278 -19.50 -21.98 0.96
C LYS C 278 -20.10 -22.20 -0.46
N GLU C 279 -21.20 -21.58 -0.84
CA GLU C 279 -21.92 -21.64 -2.12
C GLU C 279 -21.06 -21.02 -3.25
N PHE C 280 -20.36 -19.99 -2.95
CA PHE C 280 -19.44 -19.48 -3.93
C PHE C 280 -18.31 -20.44 -4.26
N LEU C 281 -17.56 -20.79 -3.23
CA LEU C 281 -16.47 -21.72 -3.36
C LEU C 281 -16.90 -23.08 -4.00
N GLU C 282 -17.92 -23.74 -3.44
CA GLU C 282 -18.32 -25.04 -3.91
C GLU C 282 -18.98 -25.04 -5.29
N ASN C 283 -19.85 -24.06 -5.58
CA ASN C 283 -20.76 -24.22 -6.73
C ASN C 283 -20.41 -23.32 -7.87
N TYR C 284 -19.47 -22.39 -7.67
CA TYR C 284 -18.99 -21.45 -8.70
C TYR C 284 -17.50 -21.59 -8.95
N LEU C 285 -16.65 -21.49 -7.94
CA LEU C 285 -15.20 -21.64 -8.17
C LEU C 285 -14.76 -23.09 -8.42
N LEU C 286 -15.00 -23.96 -7.47
CA LEU C 286 -14.61 -25.34 -7.63
C LEU C 286 -15.70 -25.74 -8.63
N THR C 287 -15.39 -25.60 -9.92
CA THR C 287 -16.29 -25.98 -11.00
C THR C 287 -15.54 -25.75 -12.31
N ASP C 288 -15.50 -26.77 -13.18
CA ASP C 288 -14.63 -26.68 -14.32
C ASP C 288 -14.55 -25.29 -14.85
N GLU C 289 -15.70 -24.66 -15.02
CA GLU C 289 -15.86 -23.33 -15.55
C GLU C 289 -15.17 -22.33 -14.70
N GLY C 290 -15.35 -22.52 -13.41
CA GLY C 290 -14.87 -21.56 -12.41
C GLY C 290 -13.38 -21.61 -12.37
N LEU C 291 -12.80 -22.79 -12.20
CA LEU C 291 -11.34 -22.94 -12.25
C LEU C 291 -10.69 -22.65 -13.61
N GLU C 292 -11.41 -22.83 -14.70
CA GLU C 292 -10.86 -22.47 -15.98
C GLU C 292 -10.77 -20.96 -16.16
N ALA C 293 -11.69 -20.20 -15.55
CA ALA C 293 -11.67 -18.72 -15.59
C ALA C 293 -10.36 -18.26 -14.92
N VAL C 294 -10.04 -18.82 -13.76
CA VAL C 294 -8.84 -18.43 -13.03
C VAL C 294 -7.57 -18.91 -13.69
N ASN C 295 -7.51 -20.18 -14.07
CA ASN C 295 -6.40 -20.82 -14.71
C ASN C 295 -6.00 -20.16 -16.03
N LYS C 296 -6.99 -19.84 -16.83
CA LYS C 296 -6.85 -18.97 -18.04
C LYS C 296 -6.20 -17.59 -17.78
N ASP C 297 -6.49 -16.97 -16.63
CA ASP C 297 -5.81 -15.72 -16.25
C ASP C 297 -4.34 -15.86 -15.74
N LYS C 298 -4.17 -16.73 -14.72
CA LYS C 298 -2.90 -17.30 -14.32
C LYS C 298 -3.10 -18.75 -13.88
N PRO C 299 -2.48 -19.68 -14.56
CA PRO C 299 -2.58 -21.10 -14.23
C PRO C 299 -2.32 -21.42 -12.77
N LEU C 300 -3.13 -22.34 -12.29
CA LEU C 300 -3.18 -22.71 -10.93
C LEU C 300 -2.18 -23.81 -10.57
N GLY C 301 -1.71 -24.55 -11.56
CA GLY C 301 -0.97 -25.77 -11.31
C GLY C 301 -1.89 -26.93 -11.50
N ALA C 302 -1.68 -28.02 -10.74
CA ALA C 302 -2.57 -29.15 -10.86
C ALA C 302 -3.77 -29.00 -9.93
N VAL C 303 -4.98 -28.87 -10.46
CA VAL C 303 -6.10 -28.53 -9.62
C VAL C 303 -6.60 -29.67 -8.71
N ALA C 304 -7.23 -29.30 -7.60
CA ALA C 304 -7.82 -30.23 -6.64
C ALA C 304 -9.06 -30.93 -7.17
N LEU C 305 -9.73 -30.31 -8.14
CA LEU C 305 -10.94 -30.84 -8.73
C LEU C 305 -10.63 -31.86 -9.84
N LYS C 306 -10.94 -33.14 -9.54
CA LYS C 306 -10.65 -34.25 -10.42
C LYS C 306 -11.06 -34.03 -11.87
N SER C 307 -12.31 -33.60 -12.09
CA SER C 307 -12.87 -33.46 -13.44
C SER C 307 -12.05 -32.52 -14.28
N TYR C 308 -11.62 -31.40 -13.72
CA TYR C 308 -10.81 -30.40 -14.47
C TYR C 308 -9.34 -30.77 -14.60
N GLU C 309 -8.81 -31.44 -13.58
CA GLU C 309 -7.41 -31.91 -13.63
C GLU C 309 -7.16 -32.93 -14.75
N GLU C 310 -8.21 -33.67 -15.09
CA GLU C 310 -8.13 -34.67 -16.16
C GLU C 310 -7.90 -34.02 -17.56
N GLU C 311 -8.39 -32.79 -17.71
CA GLU C 311 -8.12 -31.91 -18.86
C GLU C 311 -6.70 -31.30 -18.78
N LEU C 312 -6.31 -30.74 -17.65
CA LEU C 312 -4.99 -30.15 -17.44
C LEU C 312 -3.82 -31.14 -17.36
N ALA C 313 -4.13 -32.40 -17.01
CA ALA C 313 -3.16 -33.45 -16.76
C ALA C 313 -2.30 -33.76 -17.99
N LYS C 314 -2.88 -33.51 -19.16
CA LYS C 314 -2.31 -33.77 -20.47
C LYS C 314 -1.23 -32.74 -20.88
N ASP C 315 -1.20 -31.62 -20.16
CA ASP C 315 -0.22 -30.59 -20.39
C ASP C 315 1.15 -31.02 -19.82
N PRO C 316 2.21 -31.00 -20.67
CA PRO C 316 3.54 -31.40 -20.19
C PRO C 316 4.16 -30.54 -19.08
N ARG C 317 3.74 -29.28 -18.96
CA ARG C 317 4.14 -28.37 -17.94
C ARG C 317 3.50 -28.81 -16.63
N ILE C 318 2.29 -29.35 -16.70
CA ILE C 318 1.62 -29.92 -15.54
C ILE C 318 2.24 -31.27 -15.16
N ALA C 319 2.54 -32.08 -16.17
CA ALA C 319 3.34 -33.29 -15.95
C ALA C 319 4.66 -32.93 -15.22
N ALA C 320 5.37 -31.88 -15.66
CA ALA C 320 6.69 -31.53 -15.04
C ALA C 320 6.47 -30.99 -13.63
N THR C 321 5.42 -30.22 -13.44
CA THR C 321 5.00 -29.70 -12.13
C THR C 321 4.84 -30.82 -11.13
N MET C 322 4.07 -31.83 -11.55
CA MET C 322 3.78 -32.98 -10.71
C MET C 322 4.96 -33.92 -10.49
N GLU C 323 5.84 -33.98 -11.45
CA GLU C 323 7.08 -34.71 -11.28
C GLU C 323 7.98 -34.03 -10.20
N ASN C 324 8.17 -32.72 -10.30
CA ASN C 324 8.76 -31.93 -9.18
C ASN C 324 8.07 -32.08 -7.82
N ALA C 325 6.76 -32.09 -7.82
CA ALA C 325 5.99 -32.21 -6.60
C ALA C 325 6.30 -33.51 -5.92
N GLN C 326 6.36 -34.60 -6.67
CA GLN C 326 6.66 -35.91 -6.10
C GLN C 326 8.09 -35.99 -5.60
N LYS C 327 8.94 -35.08 -6.10
CA LYS C 327 10.33 -35.05 -5.70
C LYS C 327 10.51 -34.32 -4.38
N GLY C 328 9.57 -33.42 -4.07
CA GLY C 328 9.63 -32.66 -2.83
C GLY C 328 8.68 -33.19 -1.78
N GLU C 329 8.33 -32.35 -0.82
CA GLU C 329 7.41 -32.74 0.28
C GLU C 329 6.24 -31.76 0.36
N ILE C 330 5.07 -32.29 0.66
CA ILE C 330 3.95 -31.45 1.15
C ILE C 330 4.35 -30.58 2.36
N MET C 331 4.06 -29.28 2.31
CA MET C 331 4.43 -28.42 3.44
C MET C 331 3.58 -28.84 4.60
N PRO C 332 4.15 -28.85 5.85
CA PRO C 332 3.34 -28.84 7.09
C PRO C 332 2.46 -27.60 7.10
N ASN C 333 1.34 -27.64 7.84
CA ASN C 333 0.47 -26.46 8.02
C ASN C 333 0.52 -26.00 9.51
N ILE C 334 1.51 -26.53 10.22
CA ILE C 334 1.60 -26.29 11.64
C ILE C 334 1.83 -24.81 11.88
N PRO C 335 1.43 -24.29 13.09
CA PRO C 335 1.59 -22.89 13.44
C PRO C 335 3.06 -22.43 13.31
N GLN C 336 4.03 -23.32 13.54
CA GLN C 336 5.50 -22.98 13.54
C GLN C 336 6.10 -22.80 12.12
N MET C 337 5.26 -22.90 11.10
CA MET C 337 5.76 -22.84 9.70
C MET C 337 6.26 -21.44 9.35
N SER C 338 5.64 -20.40 9.91
CA SER C 338 6.12 -19.06 9.56
C SER C 338 7.37 -18.71 10.31
N ALA C 339 7.50 -19.25 11.53
CA ALA C 339 8.77 -19.15 12.20
C ALA C 339 9.90 -19.88 11.47
N PHE C 340 9.66 -21.09 10.95
CA PHE C 340 10.64 -21.76 10.06
C PHE C 340 10.97 -20.90 8.78
N TRP C 341 9.94 -20.37 8.14
CA TRP C 341 10.19 -19.66 6.89
C TRP C 341 10.95 -18.35 7.08
N TYR C 342 10.64 -17.62 8.15
CA TYR C 342 11.34 -16.35 8.45
C TYR C 342 12.80 -16.66 8.85
N ALA C 343 13.02 -17.80 9.53
CA ALA C 343 14.39 -18.13 9.98
C ALA C 343 15.28 -18.40 8.75
N VAL C 344 14.74 -19.10 7.76
CA VAL C 344 15.51 -19.59 6.62
C VAL C 344 15.66 -18.42 5.65
N ARG C 345 14.67 -17.54 5.58
CA ARG C 345 14.81 -16.25 4.87
C ARG C 345 16.08 -15.45 5.28
N THR C 346 16.21 -15.22 6.56
CA THR C 346 17.34 -14.51 7.15
C THR C 346 18.63 -15.28 6.89
N ALA C 347 18.64 -16.59 7.18
CA ALA C 347 19.79 -17.45 6.91
C ALA C 347 20.27 -17.24 5.47
N VAL C 348 19.38 -17.39 4.51
CA VAL C 348 19.83 -17.32 3.09
C VAL C 348 20.27 -15.89 2.72
N ILE C 349 19.53 -14.88 3.19
CA ILE C 349 19.95 -13.50 2.97
C ILE C 349 21.35 -13.23 3.55
N ASN C 350 21.65 -13.75 4.72
CA ASN C 350 22.87 -13.30 5.41
C ASN C 350 24.05 -14.05 4.87
N ALA C 351 23.87 -15.35 4.60
CA ALA C 351 24.92 -16.09 3.91
C ALA C 351 25.23 -15.51 2.51
N ALA C 352 24.22 -15.09 1.76
CA ALA C 352 24.43 -14.67 0.39
C ALA C 352 25.15 -13.29 0.30
N SER C 353 24.90 -12.45 1.32
CA SER C 353 25.52 -11.16 1.42
C SER C 353 26.97 -11.24 1.96
N GLY C 354 27.32 -12.33 2.65
CA GLY C 354 28.58 -12.35 3.35
C GLY C 354 28.48 -11.93 4.83
N ARG C 355 27.33 -11.46 5.29
CA ARG C 355 27.22 -11.10 6.69
C ARG C 355 27.59 -12.27 7.63
N GLN C 356 27.09 -13.48 7.34
CA GLN C 356 27.34 -14.65 8.15
C GLN C 356 27.89 -15.74 7.27
N THR C 357 28.77 -16.57 7.81
CA THR C 357 29.04 -17.86 7.18
C THR C 357 27.77 -18.73 7.17
N VAL C 358 27.69 -19.66 6.19
CA VAL C 358 26.63 -20.68 6.11
C VAL C 358 26.36 -21.37 7.43
N ASP C 359 27.41 -21.83 8.10
CA ASP C 359 27.29 -22.50 9.40
C ASP C 359 26.66 -21.63 10.47
N GLU C 360 27.04 -20.37 10.49
CA GLU C 360 26.48 -19.37 11.42
C GLU C 360 25.03 -19.05 11.12
N ALA C 361 24.78 -18.73 9.87
CA ALA C 361 23.46 -18.42 9.35
C ALA C 361 22.47 -19.55 9.65
N LEU C 362 22.84 -20.78 9.27
CA LEU C 362 21.99 -21.97 9.54
C LEU C 362 21.88 -22.30 11.02
N LYS C 363 22.95 -22.19 11.85
CA LYS C 363 22.82 -22.27 13.32
C LYS C 363 21.71 -21.38 13.85
N ASP C 364 21.74 -20.19 13.48
CA ASP C 364 20.75 -19.20 13.93
C ASP C 364 19.33 -19.55 13.44
N ALA C 365 19.27 -20.07 12.22
CA ALA C 365 18.06 -20.56 11.62
C ALA C 365 17.52 -21.75 12.41
N GLN C 366 18.40 -22.63 12.85
CA GLN C 366 17.97 -23.79 13.64
C GLN C 366 17.33 -23.31 14.94
N THR C 367 17.98 -22.34 15.59
CA THR C 367 17.56 -21.75 16.84
C THR C 367 16.17 -21.07 16.78
N ASN C 368 15.93 -20.32 15.71
CA ASN C 368 14.73 -19.52 15.57
C ASN C 368 13.53 -20.32 15.04
N SER C 369 13.82 -21.37 14.25
CA SER C 369 12.79 -22.27 13.70
C SER C 369 12.19 -23.05 14.84
N SER C 370 13.08 -23.56 15.71
CA SER C 370 12.73 -24.56 16.75
C SER C 370 12.32 -23.96 18.07
N SER C 371 12.41 -22.62 18.16
CA SER C 371 11.79 -21.87 19.26
C SER C 371 10.34 -21.49 18.89
N VAL D 2 -0.75 -2.49 33.09
CA VAL D 2 -1.43 -1.23 33.62
C VAL D 2 -2.96 -1.23 33.34
N LYS D 3 -3.73 -1.36 34.44
CA LYS D 3 -5.19 -1.10 34.40
C LYS D 3 -5.53 0.33 34.78
N VAL D 4 -6.42 0.92 33.99
CA VAL D 4 -6.94 2.27 34.17
C VAL D 4 -8.46 2.28 34.19
N VAL D 5 -9.03 3.34 34.74
CA VAL D 5 -10.46 3.57 34.63
C VAL D 5 -10.69 4.85 33.81
N ILE D 6 -11.49 4.73 32.73
CA ILE D 6 -11.77 5.86 31.87
C ILE D 6 -13.21 6.34 32.03
N GLU D 7 -13.33 7.62 32.34
CA GLU D 7 -14.63 8.19 32.41
C GLU D 7 -14.74 9.18 31.24
N ALA D 8 -15.74 9.00 30.39
CA ALA D 8 -15.93 9.85 29.23
C ALA D 8 -17.37 10.37 29.22
N ASP D 9 -17.57 11.54 28.63
CA ASP D 9 -18.89 12.09 28.47
C ASP D 9 -18.84 13.17 27.40
N GLY D 10 -19.94 13.39 26.71
CA GLY D 10 -20.05 14.51 25.81
C GLY D 10 -21.51 14.89 25.70
N GLY D 11 -21.77 16.07 25.13
CA GLY D 11 -23.14 16.49 24.96
C GLY D 11 -23.20 17.75 24.13
N SER D 12 -24.42 18.15 23.75
CA SER D 12 -24.61 19.37 22.95
C SER D 12 -25.76 20.16 23.54
N ARG D 13 -25.80 21.48 23.25
CA ARG D 13 -26.97 22.29 23.60
C ARG D 13 -27.98 22.32 22.44
N GLY D 14 -28.86 21.32 22.38
CA GLY D 14 -29.91 21.34 21.36
C GLY D 14 -29.96 20.05 20.58
N ASN D 15 -28.85 19.29 20.59
CA ASN D 15 -28.83 17.93 20.03
C ASN D 15 -29.43 17.87 18.62
N PRO D 16 -28.77 18.46 17.61
CA PRO D 16 -27.49 19.14 17.59
C PRO D 16 -27.51 20.62 18.04
N GLY D 17 -26.36 21.08 18.56
CA GLY D 17 -26.13 22.42 19.05
C GLY D 17 -24.66 22.56 19.38
N PRO D 18 -24.24 23.74 19.84
CA PRO D 18 -22.86 23.84 20.37
C PRO D 18 -22.58 22.67 21.35
N ALA D 19 -21.46 21.93 21.18
CA ALA D 19 -21.20 20.66 21.91
C ALA D 19 -19.78 20.59 22.57
N GLY D 20 -19.56 19.54 23.36
CA GLY D 20 -18.36 19.46 24.10
C GLY D 20 -18.21 18.10 24.72
N TYR D 21 -16.99 17.74 25.06
CA TYR D 21 -16.78 16.46 25.68
C TYR D 21 -15.79 16.58 26.80
N GLY D 22 -15.78 15.57 27.66
CA GLY D 22 -14.80 15.49 28.75
C GLY D 22 -14.36 14.04 28.83
N ALA D 23 -13.11 13.81 29.24
CA ALA D 23 -12.64 12.49 29.52
C ALA D 23 -11.55 12.57 30.58
N VAL D 24 -11.51 11.56 31.44
CA VAL D 24 -10.51 11.53 32.55
C VAL D 24 -10.14 10.06 32.72
N VAL D 25 -8.84 9.81 32.83
CA VAL D 25 -8.32 8.48 32.93
C VAL D 25 -7.64 8.43 34.30
N TRP D 26 -7.97 7.37 35.06
CA TRP D 26 -7.56 7.21 36.44
C TRP D 26 -6.67 5.97 36.60
N THR D 27 -5.80 5.99 37.61
CA THR D 27 -5.20 4.75 38.14
C THR D 27 -6.30 3.73 38.50
N ALA D 28 -6.01 2.42 38.42
CA ALA D 28 -6.98 1.34 38.71
C ALA D 28 -7.78 1.58 39.99
N ASP D 29 -7.06 1.99 41.05
CA ASP D 29 -7.64 2.28 42.36
C ASP D 29 -8.29 3.66 42.50
N HIS D 30 -8.42 4.41 41.39
CA HIS D 30 -9.15 5.69 41.34
C HIS D 30 -8.60 6.79 42.27
N SER D 31 -7.28 6.81 42.45
CA SER D 31 -6.66 7.75 43.39
C SER D 31 -6.07 8.93 42.61
N THR D 32 -5.64 8.67 41.38
CA THR D 32 -4.86 9.65 40.63
C THR D 32 -5.35 9.75 39.16
N VAL D 33 -5.44 10.99 38.68
CA VAL D 33 -5.76 11.29 37.28
C VAL D 33 -4.43 11.16 36.50
N LEU D 34 -4.38 10.20 35.58
CA LEU D 34 -3.28 10.11 34.66
C LEU D 34 -3.46 11.08 33.51
N ALA D 35 -4.67 11.29 33.02
CA ALA D 35 -4.82 12.13 31.86
C ALA D 35 -6.20 12.73 31.81
N GLU D 36 -6.34 13.90 31.20
CA GLU D 36 -7.63 14.52 31.08
C GLU D 36 -7.81 15.44 29.87
N SER D 37 -9.01 15.36 29.26
CA SER D 37 -9.34 16.13 28.11
C SER D 37 -10.61 16.85 28.37
N LYS D 38 -10.58 18.15 28.00
CA LYS D 38 -11.77 18.97 28.03
C LYS D 38 -11.82 19.69 26.70
N GLN D 39 -12.95 19.60 25.99
CA GLN D 39 -12.96 19.98 24.58
C GLN D 39 -14.32 20.49 24.07
N ALA D 40 -14.35 21.74 23.61
CA ALA D 40 -15.45 22.29 22.84
C ALA D 40 -15.25 21.84 21.42
N ILE D 41 -16.34 21.57 20.73
CA ILE D 41 -16.27 21.12 19.33
C ILE D 41 -17.41 21.69 18.51
N GLY D 42 -17.45 23.01 18.38
CA GLY D 42 -18.49 23.68 17.63
C GLY D 42 -19.86 23.08 17.87
N ARG D 43 -20.47 22.59 16.79
CA ARG D 43 -21.84 22.06 16.76
C ARG D 43 -21.90 20.56 16.44
N ALA D 44 -22.77 19.81 17.14
CA ALA D 44 -22.83 18.36 16.98
C ALA D 44 -24.00 17.77 17.76
N THR D 45 -24.35 16.52 17.46
CA THR D 45 -25.42 15.85 18.14
C THR D 45 -24.88 15.39 19.52
N ASN D 46 -25.77 15.05 20.47
CA ASN D 46 -25.32 14.52 21.75
C ASN D 46 -24.45 13.25 21.53
N ASN D 47 -24.92 12.37 20.67
CA ASN D 47 -24.19 11.11 20.43
C ASN D 47 -22.80 11.33 19.75
N VAL D 48 -22.67 12.35 18.94
CA VAL D 48 -21.37 12.58 18.35
C VAL D 48 -20.40 13.08 19.42
N ALA D 49 -20.89 14.00 20.26
CA ALA D 49 -20.12 14.59 21.33
C ALA D 49 -19.66 13.46 22.26
N GLU D 50 -20.57 12.51 22.50
CA GLU D 50 -20.32 11.35 23.39
C GLU D 50 -19.19 10.42 22.95
N TYR D 51 -19.33 9.99 21.69
CA TYR D 51 -18.33 9.24 21.02
C TYR D 51 -16.94 9.91 20.98
N ARG D 52 -16.91 11.23 20.75
CA ARG D 52 -15.68 12.02 20.79
C ARG D 52 -15.03 12.06 22.15
N GLY D 53 -15.85 12.12 23.19
CA GLY D 53 -15.36 11.99 24.54
C GLY D 53 -14.74 10.64 24.75
N LEU D 54 -15.41 9.58 24.29
CA LEU D 54 -14.91 8.23 24.44
C LEU D 54 -13.55 8.13 23.74
N ILE D 55 -13.50 8.54 22.47
CA ILE D 55 -12.30 8.46 21.66
C ILE D 55 -11.16 9.20 22.36
N ALA D 56 -11.38 10.43 22.85
CA ALA D 56 -10.35 11.15 23.61
C ALA D 56 -9.94 10.34 24.86
N GLY D 57 -10.90 9.75 25.55
CA GLY D 57 -10.56 8.86 26.65
C GLY D 57 -9.73 7.64 26.25
N LEU D 58 -10.05 7.02 25.11
CA LEU D 58 -9.34 5.79 24.73
C LEU D 58 -7.96 6.12 24.25
N ASP D 59 -7.75 7.27 23.66
CA ASP D 59 -6.45 7.59 23.13
C ASP D 59 -5.53 8.20 24.19
N ASP D 60 -6.14 8.77 25.21
CA ASP D 60 -5.44 9.22 26.39
C ASP D 60 -4.89 8.01 27.16
N ALA D 61 -5.65 6.93 27.18
CA ALA D 61 -5.22 5.73 27.88
C ALA D 61 -4.14 5.01 27.09
N VAL D 62 -4.17 5.18 25.79
CA VAL D 62 -3.31 4.38 24.93
C VAL D 62 -1.93 5.02 24.77
N LYS D 63 -1.88 6.34 24.93
CA LYS D 63 -0.64 7.08 24.81
C LYS D 63 0.05 7.26 26.16
N LEU D 64 -0.40 6.49 27.15
CA LEU D 64 0.16 6.56 28.49
C LEU D 64 0.54 5.16 28.94
N GLY D 65 0.14 4.19 28.13
CA GLY D 65 0.62 2.81 28.21
C GLY D 65 -0.39 1.81 28.75
N ALA D 66 -1.68 2.17 28.80
CA ALA D 66 -2.64 1.29 29.44
C ALA D 66 -2.83 0.05 28.57
N THR D 67 -2.92 -1.09 29.26
CA THR D 67 -3.09 -2.39 28.63
C THR D 67 -4.53 -2.84 28.88
N GLU D 68 -5.11 -2.35 29.98
CA GLU D 68 -6.51 -2.67 30.32
C GLU D 68 -7.27 -1.40 30.69
N ALA D 69 -8.60 -1.52 30.60
CA ALA D 69 -9.50 -0.48 31.05
C ALA D 69 -10.93 -0.93 31.36
N ALA D 70 -11.47 -0.29 32.36
CA ALA D 70 -12.92 -0.15 32.59
C ALA D 70 -13.28 1.27 32.15
N VAL D 71 -14.21 1.34 31.19
CA VAL D 71 -14.71 2.57 30.60
C VAL D 71 -16.11 2.86 31.17
N LEU D 72 -16.23 3.93 31.94
CA LEU D 72 -17.51 4.31 32.47
C LEU D 72 -18.10 5.49 31.67
N MET D 73 -19.36 5.36 31.27
CA MET D 73 -20.04 6.40 30.51
C MET D 73 -21.52 6.46 30.85
N ASP D 74 -22.10 7.62 30.97
CA ASP D 74 -23.52 7.70 31.24
C ASP D 74 -24.38 7.62 29.99
N SER D 75 -23.75 7.54 28.83
CA SER D 75 -24.47 7.32 27.59
C SER D 75 -24.69 5.83 27.34
N LYS D 76 -25.92 5.38 27.48
CA LYS D 76 -26.25 4.00 27.26
C LYS D 76 -25.99 3.57 25.85
N LEU D 77 -26.22 4.49 24.94
CA LEU D 77 -26.11 4.12 23.55
C LEU D 77 -24.67 3.78 23.13
N VAL D 78 -23.72 4.62 23.53
CA VAL D 78 -22.28 4.42 23.27
C VAL D 78 -21.81 3.16 23.97
N VAL D 79 -22.21 2.98 25.23
CA VAL D 79 -22.00 1.69 25.94
C VAL D 79 -22.57 0.50 25.18
N GLU D 80 -23.83 0.56 24.75
CA GLU D 80 -24.46 -0.57 24.08
C GLU D 80 -23.84 -0.83 22.74
N GLN D 81 -23.44 0.19 22.01
CA GLN D 81 -22.79 -0.04 20.71
C GLN D 81 -21.35 -0.60 20.88
N MET D 82 -20.58 -0.09 21.82
CA MET D 82 -19.20 -0.59 21.98
C MET D 82 -19.16 -2.01 22.50
N SER D 83 -20.18 -2.40 23.26
CA SER D 83 -20.35 -3.77 23.76
C SER D 83 -20.79 -4.72 22.66
N GLY D 84 -21.10 -4.17 21.49
CA GLY D 84 -21.53 -4.97 20.35
C GLY D 84 -23.01 -5.27 20.38
N ARG D 85 -23.63 -5.10 21.55
CA ARG D 85 -25.05 -5.34 21.71
C ARG D 85 -25.87 -4.45 20.77
N TRP D 86 -25.48 -3.19 20.67
CA TRP D 86 -26.17 -2.24 19.81
C TRP D 86 -25.41 -2.02 18.50
N LYS D 87 -26.11 -2.17 17.38
CA LYS D 87 -25.49 -2.00 16.06
C LYS D 87 -25.84 -0.64 15.46
N VAL D 88 -24.76 0.02 15.07
CA VAL D 88 -24.68 1.38 14.64
C VAL D 88 -25.25 1.54 13.25
N LYS D 89 -26.26 2.38 13.11
CA LYS D 89 -26.99 2.46 11.85
C LYS D 89 -26.72 3.67 10.97
N HIS D 90 -26.09 4.71 11.50
CA HIS D 90 -25.88 5.97 10.76
C HIS D 90 -24.41 6.29 10.57
N PRO D 91 -24.02 6.64 9.36
CA PRO D 91 -22.61 6.88 9.04
C PRO D 91 -21.75 7.77 9.96
N ASP D 92 -22.29 8.90 10.45
CA ASP D 92 -21.57 9.76 11.39
C ASP D 92 -21.16 8.92 12.53
N LEU D 93 -22.12 8.28 13.16
CA LEU D 93 -21.73 7.44 14.29
C LEU D 93 -20.80 6.26 13.90
N LEU D 94 -20.96 5.73 12.68
CA LEU D 94 -20.20 4.53 12.26
C LEU D 94 -18.72 4.86 12.24
N LYS D 95 -18.37 5.96 11.57
CA LYS D 95 -16.99 6.48 11.53
C LYS D 95 -16.32 6.58 12.93
N LEU D 96 -17.05 7.15 13.86
CA LEU D 96 -16.58 7.36 15.20
C LEU D 96 -16.48 5.99 15.90
N TYR D 97 -17.48 5.14 15.68
CA TYR D 97 -17.45 3.74 16.16
C TYR D 97 -16.20 2.99 15.68
N VAL D 98 -15.89 3.09 14.39
CA VAL D 98 -14.68 2.48 13.82
C VAL D 98 -13.39 3.06 14.46
N GLN D 99 -13.25 4.39 14.45
CA GLN D 99 -12.16 5.07 15.17
C GLN D 99 -12.06 4.56 16.64
N ALA D 100 -13.17 4.53 17.36
CA ALA D 100 -13.11 4.05 18.72
C ALA D 100 -12.68 2.59 18.80
N GLN D 101 -13.26 1.75 17.93
CA GLN D 101 -12.92 0.35 17.89
C GLN D 101 -11.43 0.10 17.60
N ALA D 102 -10.83 0.88 16.71
CA ALA D 102 -9.39 0.68 16.46
C ALA D 102 -8.57 0.98 17.74
N LEU D 103 -9.06 1.88 18.57
CA LEU D 103 -8.32 2.22 19.77
C LEU D 103 -8.50 1.15 20.87
N ALA D 104 -9.75 0.71 21.05
CA ALA D 104 -10.08 -0.34 22.01
C ALA D 104 -9.36 -1.66 21.69
N SER D 105 -9.09 -1.90 20.41
CA SER D 105 -8.47 -3.15 20.02
C SER D 105 -6.97 -3.23 20.40
N GLN D 106 -6.38 -2.10 20.83
CA GLN D 106 -4.97 -2.11 21.26
C GLN D 106 -4.87 -2.39 22.77
N PHE D 107 -6.01 -2.59 23.39
CA PHE D 107 -6.08 -3.00 24.76
C PHE D 107 -6.17 -4.52 24.85
N ARG D 108 -5.55 -5.12 25.84
CA ARG D 108 -5.63 -6.56 26.05
C ARG D 108 -7.01 -6.96 26.55
N ARG D 109 -7.48 -6.25 27.56
CA ARG D 109 -8.83 -6.37 28.10
C ARG D 109 -9.53 -4.99 28.18
N ILE D 110 -10.80 -4.92 27.76
CA ILE D 110 -11.64 -3.73 27.90
C ILE D 110 -13.13 -4.06 28.11
N ASN D 111 -13.78 -3.33 29.04
CA ASN D 111 -15.22 -3.37 29.21
C ASN D 111 -15.89 -1.97 29.30
N TYR D 112 -17.22 -1.96 29.11
CA TYR D 112 -18.02 -0.73 29.03
C TYR D 112 -19.19 -0.83 30.00
N GLU D 113 -19.41 0.22 30.79
CA GLU D 113 -20.37 0.23 31.85
C GLU D 113 -21.07 1.60 31.81
N TRP D 114 -22.40 1.56 31.87
CA TRP D 114 -23.21 2.77 31.85
C TRP D 114 -23.69 3.12 33.26
N VAL D 115 -23.30 4.30 33.74
CA VAL D 115 -23.69 4.76 35.06
C VAL D 115 -24.78 5.82 34.98
N PRO D 116 -25.45 6.09 36.10
CA PRO D 116 -26.33 7.25 36.20
C PRO D 116 -25.35 8.37 36.13
N ARG D 117 -25.77 9.60 36.33
CA ARG D 117 -24.89 10.75 36.12
C ARG D 117 -23.95 11.07 37.27
N ALA D 118 -24.45 11.11 38.49
CA ALA D 118 -23.61 11.32 39.69
C ALA D 118 -22.43 10.35 39.91
N ARG D 119 -22.24 9.38 39.04
CA ARG D 119 -21.03 8.58 39.14
C ARG D 119 -20.07 8.88 38.00
N ASN D 120 -20.40 9.88 37.20
CA ASN D 120 -19.55 10.29 36.05
C ASN D 120 -19.46 11.80 36.07
N THR D 121 -19.39 12.33 37.29
CA THR D 121 -19.51 13.74 37.61
C THR D 121 -18.31 14.55 37.12
N TYR D 122 -17.14 13.96 37.21
CA TYR D 122 -15.90 14.60 36.81
C TYR D 122 -15.88 14.91 35.27
N ALA D 123 -16.02 13.86 34.46
CA ALA D 123 -16.24 14.00 33.00
C ALA D 123 -17.45 14.89 32.60
N ASP D 124 -18.53 14.83 33.39
CA ASP D 124 -19.76 15.48 33.05
C ASP D 124 -19.50 16.95 33.19
N ARG D 125 -18.80 17.30 34.27
CA ARG D 125 -18.38 18.70 34.58
C ARG D 125 -17.45 19.31 33.52
N LEU D 126 -16.55 18.50 32.97
CA LEU D 126 -15.65 18.89 31.88
C LEU D 126 -16.38 19.13 30.57
N ALA D 127 -17.32 18.27 30.25
CA ALA D 127 -18.14 18.44 29.08
C ALA D 127 -19.02 19.68 29.16
N ASN D 128 -19.83 19.77 30.21
CA ASN D 128 -20.73 20.91 30.38
C ASN D 128 -19.99 22.24 30.30
N ASP D 129 -18.80 22.29 30.90
CA ASP D 129 -18.00 23.51 30.90
C ASP D 129 -17.49 23.84 29.49
N ALA D 130 -17.25 22.80 28.70
CA ALA D 130 -16.76 22.98 27.34
C ALA D 130 -17.62 23.98 26.56
N MET D 131 -18.85 23.60 26.27
CA MET D 131 -19.73 24.43 25.46
C MET D 131 -19.87 25.82 26.07
N ASP D 132 -20.27 25.85 27.33
CA ASP D 132 -20.42 27.10 28.07
C ASP D 132 -19.44 28.16 27.59
#